data_3QWI
#
_entry.id   3QWI
#
_cell.length_a   63.410
_cell.length_b   116.810
_cell.length_c   70.430
_cell.angle_alpha   90.00
_cell.angle_beta   103.14
_cell.angle_gamma   90.00
#
_symmetry.space_group_name_H-M   'P 1 21 1'
#
loop_
_entity.id
_entity.type
_entity.pdbx_description
1 polymer '17beta-hydroxysteroid dehydrogenase'
2 non-polymer 'NADP NICOTINAMIDE-ADENINE-DINUCLEOTIDE PHOSPHATE'
3 non-polymer Coumestrol
4 non-polymer 1,2-ETHANEDIOL
5 water water
#
_entity_poly.entity_id   1
_entity_poly.type   'polypeptide(L)'
_entity_poly.pdbx_seq_one_letter_code
;MPHVENASETYIPGRLDGKVALVTGSGRGIGAAVAVHLGRLGAKVVVNYANSTKDAEKVVSEIKALGSDAIAIKADIRQV
PEIVKLFDQAVAHFGHLDIAVSNSGVVSFGHLKDVTEEEFDRVFSLNTRGQFFVAREAYRHLTEGGRIVLTSSNTSKDFS
VPKHSLYSGSKGAVDSFVRIFSKDCGDKKITVNAVAPGGTVTDMFHEVSHHYIPNGTSYTAEQRQQMAAHASPLHRNGWP
QDVANVVGFLVSKEGEWVNGKVLTLDGGAA
;
_entity_poly.pdbx_strand_id   A,B,C,D
#
# COMPACT_ATOMS: atom_id res chain seq x y z
N TYR A 11 -30.01 -23.51 9.75
CA TYR A 11 -29.05 -22.42 9.35
C TYR A 11 -28.34 -22.76 8.04
N ILE A 12 -28.14 -21.74 7.20
CA ILE A 12 -27.44 -21.93 5.92
C ILE A 12 -26.25 -20.94 5.78
N PRO A 13 -25.03 -21.48 5.50
CA PRO A 13 -23.82 -20.65 5.45
C PRO A 13 -23.78 -19.63 4.30
N GLY A 14 -23.57 -18.36 4.66
CA GLY A 14 -23.61 -17.27 3.71
C GLY A 14 -24.97 -16.57 3.66
N ARG A 15 -25.93 -17.12 4.41
CA ARG A 15 -27.28 -16.56 4.43
C ARG A 15 -27.50 -15.62 5.61
N LEU A 16 -28.56 -14.83 5.52
CA LEU A 16 -28.81 -13.74 6.47
C LEU A 16 -30.24 -13.81 7.01
N ASP A 17 -30.75 -15.02 7.14
CA ASP A 17 -32.11 -15.24 7.67
C ASP A 17 -32.28 -14.66 9.08
N GLY A 18 -33.29 -13.79 9.22
CA GLY A 18 -33.58 -13.12 10.48
C GLY A 18 -32.79 -11.83 10.72
N LYS A 19 -31.96 -11.45 9.75
CA LYS A 19 -31.16 -10.23 9.87
C LYS A 19 -31.83 -9.06 9.16
N VAL A 20 -31.60 -7.87 9.70
CA VAL A 20 -32.12 -6.64 9.09
C VAL A 20 -30.94 -5.81 8.58
N ALA A 21 -31.06 -5.34 7.33
CA ALA A 21 -30.01 -4.57 6.68
C ALA A 21 -30.47 -3.19 6.22
N LEU A 22 -29.52 -2.26 6.08
CA LEU A 22 -29.79 -0.93 5.49
C LEU A 22 -28.74 -0.57 4.43
N VAL A 23 -29.22 -0.10 3.27
CA VAL A 23 -28.32 0.27 2.17
C VAL A 23 -28.65 1.70 1.73
N THR A 24 -27.65 2.58 1.79
CA THR A 24 -27.86 3.96 1.36
C THR A 24 -27.80 4.04 -0.17
N GLY A 25 -28.69 4.85 -0.75
CA GLY A 25 -28.78 4.99 -2.19
C GLY A 25 -28.98 3.66 -2.90
N SER A 26 -29.93 2.87 -2.42
CA SER A 26 -30.19 1.55 -2.99
C SER A 26 -31.34 1.53 -3.99
N GLY A 27 -31.81 2.72 -4.37
CA GLY A 27 -32.85 2.83 -5.38
C GLY A 27 -32.39 2.52 -6.80
N ARG A 28 -31.07 2.56 -7.05
CA ARG A 28 -30.52 2.26 -8.37
C ARG A 28 -29.02 1.93 -8.31
N GLY A 29 -28.46 1.52 -9.44
CA GLY A 29 -27.03 1.22 -9.56
C GLY A 29 -26.56 0.08 -8.68
N ILE A 30 -25.34 0.21 -8.15
CA ILE A 30 -24.73 -0.77 -7.26
C ILE A 30 -25.58 -1.01 -6.01
N GLY A 31 -26.02 0.08 -5.38
CA GLY A 31 -26.83 0.02 -4.16
C GLY A 31 -28.06 -0.86 -4.34
N ALA A 32 -28.72 -0.71 -5.48
CA ALA A 32 -29.88 -1.53 -5.84
C ALA A 32 -29.56 -3.02 -5.87
N ALA A 33 -28.42 -3.36 -6.49
CA ALA A 33 -28.01 -4.75 -6.57
C ALA A 33 -27.67 -5.30 -5.19
N VAL A 34 -27.02 -4.48 -4.37
CA VAL A 34 -26.71 -4.87 -2.98
C VAL A 34 -27.99 -5.14 -2.17
N ALA A 35 -28.94 -4.22 -2.24
CA ALA A 35 -30.23 -4.39 -1.53
C ALA A 35 -30.96 -5.66 -1.94
N VAL A 36 -31.12 -5.86 -3.25
CA VAL A 36 -31.79 -7.04 -3.74
C VAL A 36 -31.06 -8.30 -3.28
N HIS A 37 -29.73 -8.31 -3.40
CA HIS A 37 -28.92 -9.48 -3.01
C HIS A 37 -28.99 -9.77 -1.51
N LEU A 38 -28.99 -8.73 -0.67
CA LEU A 38 -29.14 -8.94 0.76
C LEU A 38 -30.50 -9.54 1.06
N GLY A 39 -31.52 -9.11 0.32
CA GLY A 39 -32.87 -9.69 0.40
C GLY A 39 -32.92 -11.15 -0.04
N ARG A 40 -32.22 -11.48 -1.12
CA ARG A 40 -32.10 -12.86 -1.61
C ARG A 40 -31.46 -13.78 -0.57
N LEU A 41 -30.53 -13.23 0.20
CA LEU A 41 -29.83 -13.97 1.26
C LEU A 41 -30.66 -14.14 2.54
N GLY A 42 -31.80 -13.48 2.61
CA GLY A 42 -32.72 -13.69 3.72
C GLY A 42 -32.96 -12.48 4.61
N ALA A 43 -32.17 -11.42 4.41
CA ALA A 43 -32.30 -10.20 5.20
C ALA A 43 -33.53 -9.40 4.80
N LYS A 44 -34.20 -8.85 5.81
CA LYS A 44 -35.17 -7.79 5.58
C LYS A 44 -34.35 -6.52 5.28
N VAL A 45 -34.85 -5.67 4.37
CA VAL A 45 -34.03 -4.54 3.90
C VAL A 45 -34.69 -3.15 3.97
N VAL A 46 -33.99 -2.19 4.57
CA VAL A 46 -34.37 -0.79 4.46
C VAL A 46 -33.70 -0.22 3.22
N VAL A 47 -34.50 0.28 2.28
CA VAL A 47 -33.98 0.82 1.02
C VAL A 47 -34.01 2.35 1.08
N ASN A 48 -32.82 2.95 1.01
CA ASN A 48 -32.70 4.40 1.03
C ASN A 48 -32.44 5.04 -0.34
N TYR A 49 -33.06 6.19 -0.56
CA TYR A 49 -32.91 6.97 -1.77
C TYR A 49 -33.02 8.43 -1.39
N ALA A 50 -32.53 9.32 -2.25
CA ALA A 50 -32.75 10.75 -2.07
C ALA A 50 -33.78 11.31 -3.07
N ASN A 51 -33.79 10.73 -4.28
CA ASN A 51 -34.55 11.27 -5.42
C ASN A 51 -35.33 10.21 -6.20
N SER A 52 -34.78 9.00 -6.27
CA SER A 52 -35.35 7.93 -7.08
C SER A 52 -36.45 7.11 -6.39
N THR A 53 -37.62 7.73 -6.22
CA THR A 53 -38.74 7.13 -5.49
C THR A 53 -39.23 5.84 -6.13
N LYS A 54 -39.62 5.92 -7.40
CA LYS A 54 -40.21 4.80 -8.13
C LYS A 54 -39.22 3.66 -8.28
N ASP A 55 -37.97 4.01 -8.55
CA ASP A 55 -36.88 3.04 -8.60
C ASP A 55 -36.67 2.34 -7.26
N ALA A 56 -36.82 3.10 -6.16
CA ALA A 56 -36.74 2.53 -4.81
C ALA A 56 -37.91 1.63 -4.47
N GLU A 57 -39.14 2.08 -4.79
CA GLU A 57 -40.34 1.25 -4.62
C GLU A 57 -40.22 -0.05 -5.42
N LYS A 58 -39.52 0.02 -6.54
CA LYS A 58 -39.31 -1.14 -7.41
C LYS A 58 -38.31 -2.14 -6.80
N VAL A 59 -37.24 -1.62 -6.20
CA VAL A 59 -36.29 -2.44 -5.43
C VAL A 59 -36.97 -3.12 -4.23
N VAL A 60 -37.85 -2.38 -3.54
CA VAL A 60 -38.67 -2.92 -2.46
C VAL A 60 -39.46 -4.13 -2.95
N SER A 61 -40.20 -3.95 -4.06
CA SER A 61 -40.97 -5.02 -4.70
C SER A 61 -40.17 -6.29 -4.96
N GLU A 62 -38.97 -6.14 -5.49
CA GLU A 62 -38.14 -7.31 -5.79
C GLU A 62 -37.68 -8.08 -4.56
N ILE A 63 -37.34 -7.36 -3.49
CA ILE A 63 -36.97 -8.01 -2.24
C ILE A 63 -38.17 -8.79 -1.66
N LYS A 64 -39.36 -8.22 -1.76
CA LYS A 64 -40.59 -8.90 -1.35
C LYS A 64 -40.88 -10.10 -2.26
N ALA A 65 -40.63 -9.92 -3.56
CA ALA A 65 -40.83 -10.96 -4.57
C ALA A 65 -39.96 -12.19 -4.34
N LEU A 66 -38.79 -11.99 -3.74
CA LEU A 66 -37.94 -13.10 -3.30
C LEU A 66 -38.40 -13.73 -1.99
N GLY A 67 -39.38 -13.13 -1.33
CA GLY A 67 -39.90 -13.67 -0.08
C GLY A 67 -39.29 -13.07 1.18
N SER A 68 -38.77 -11.86 1.08
CA SER A 68 -38.28 -11.13 2.26
C SER A 68 -39.19 -9.92 2.51
N ASP A 69 -38.78 -9.02 3.40
CA ASP A 69 -39.51 -7.76 3.57
C ASP A 69 -38.58 -6.58 3.39
N ALA A 70 -39.14 -5.49 2.85
CA ALA A 70 -38.38 -4.26 2.64
C ALA A 70 -39.28 -3.04 2.77
N ILE A 71 -38.65 -1.90 3.04
CA ILE A 71 -39.31 -0.59 3.11
C ILE A 71 -38.42 0.46 2.44
N ALA A 72 -39.03 1.42 1.77
CA ALA A 72 -38.30 2.54 1.16
C ALA A 72 -38.37 3.78 2.04
N ILE A 73 -37.21 4.32 2.42
CA ILE A 73 -37.19 5.55 3.21
C ILE A 73 -36.35 6.62 2.54
N LYS A 74 -37.00 7.74 2.22
CA LYS A 74 -36.34 8.91 1.65
C LYS A 74 -35.53 9.67 2.69
N ALA A 75 -34.22 9.75 2.48
CA ALA A 75 -33.31 10.59 3.29
C ALA A 75 -32.11 11.05 2.46
N ASP A 76 -31.80 12.34 2.56
CA ASP A 76 -30.67 12.96 1.89
C ASP A 76 -29.41 12.78 2.74
N ILE A 77 -28.52 11.90 2.29
CA ILE A 77 -27.37 11.49 3.10
C ILE A 77 -26.34 12.61 3.35
N ARG A 78 -26.47 13.73 2.64
CA ARG A 78 -25.67 14.92 2.93
C ARG A 78 -26.03 15.56 4.26
N GLN A 79 -27.26 15.35 4.71
CA GLN A 79 -27.78 15.93 5.94
C GLN A 79 -27.67 14.94 7.09
N VAL A 80 -26.86 15.26 8.09
CA VAL A 80 -26.69 14.37 9.23
C VAL A 80 -27.97 14.19 10.04
N PRO A 81 -28.75 15.28 10.26
CA PRO A 81 -30.04 15.05 10.93
C PRO A 81 -30.93 14.05 10.19
N GLU A 82 -30.74 13.96 8.87
CA GLU A 82 -31.52 13.02 8.06
C GLU A 82 -31.01 11.57 8.16
N ILE A 83 -29.68 11.40 8.27
CA ILE A 83 -29.10 10.07 8.51
C ILE A 83 -29.54 9.50 9.85
N VAL A 84 -29.60 10.37 10.87
CA VAL A 84 -30.06 9.99 12.20
C VAL A 84 -31.51 9.52 12.11
N LYS A 85 -32.36 10.36 11.50
CA LYS A 85 -33.79 10.07 11.32
C LYS A 85 -34.00 8.79 10.52
N LEU A 86 -33.19 8.59 9.48
CA LEU A 86 -33.25 7.37 8.69
C LEU A 86 -33.00 6.14 9.55
N PHE A 87 -31.96 6.22 10.37
CA PHE A 87 -31.57 5.09 11.22
C PHE A 87 -32.56 4.83 12.35
N ASP A 88 -33.14 5.91 12.88
CA ASP A 88 -34.16 5.81 13.91
C ASP A 88 -35.39 5.12 13.35
N GLN A 89 -35.77 5.49 12.12
CA GLN A 89 -36.96 4.94 11.48
C GLN A 89 -36.79 3.49 11.05
N ALA A 90 -35.56 3.12 10.66
CA ALA A 90 -35.23 1.74 10.33
C ALA A 90 -35.48 0.84 11.53
N VAL A 91 -34.93 1.23 12.67
CA VAL A 91 -35.03 0.45 13.90
C VAL A 91 -36.48 0.36 14.38
N ALA A 92 -37.17 1.49 14.39
CA ALA A 92 -38.56 1.53 14.86
C ALA A 92 -39.50 0.70 13.99
N HIS A 93 -39.13 0.47 12.72
CA HIS A 93 -39.94 -0.36 11.84
C HIS A 93 -39.64 -1.86 11.96
N PHE A 94 -38.37 -2.25 11.84
CA PHE A 94 -38.02 -3.68 11.87
C PHE A 94 -37.65 -4.25 13.25
N GLY A 95 -37.40 -3.37 14.22
CA GLY A 95 -37.10 -3.80 15.59
C GLY A 95 -35.62 -3.74 15.95
N HIS A 96 -34.78 -3.95 14.96
CA HIS A 96 -33.33 -3.96 15.14
C HIS A 96 -32.64 -3.78 13.79
N LEU A 97 -31.33 -3.51 13.83
CA LEU A 97 -30.56 -3.38 12.60
C LEU A 97 -29.22 -4.04 12.80
N ASP A 98 -28.85 -4.92 11.86
CA ASP A 98 -27.62 -5.69 11.97
C ASP A 98 -26.52 -5.27 10.99
N ILE A 99 -26.92 -4.84 9.79
CA ILE A 99 -26.01 -4.58 8.69
C ILE A 99 -26.27 -3.20 8.09
N ALA A 100 -25.23 -2.37 7.99
CA ALA A 100 -25.33 -1.10 7.29
C ALA A 100 -24.32 -1.00 6.16
N VAL A 101 -24.84 -0.77 4.96
CA VAL A 101 -24.02 -0.58 3.78
C VAL A 101 -24.14 0.87 3.30
N SER A 102 -23.03 1.59 3.41
CA SER A 102 -22.92 2.94 2.91
C SER A 102 -22.47 2.92 1.44
N ASN A 103 -23.38 3.30 0.55
CA ASN A 103 -23.16 3.14 -0.88
C ASN A 103 -23.31 4.44 -1.67
N SER A 104 -24.24 5.29 -1.27
CA SER A 104 -24.45 6.58 -1.92
C SER A 104 -23.16 7.33 -2.19
N GLY A 105 -23.04 7.86 -3.40
CA GLY A 105 -21.87 8.61 -3.82
C GLY A 105 -22.11 9.33 -5.13
N VAL A 106 -21.27 10.34 -5.40
CA VAL A 106 -21.26 11.03 -6.69
C VAL A 106 -19.84 11.12 -7.22
N VAL A 107 -19.70 11.21 -8.55
CA VAL A 107 -18.40 11.25 -9.20
C VAL A 107 -18.11 12.66 -9.73
N SER A 108 -16.83 12.92 -10.03
CA SER A 108 -16.40 14.25 -10.46
C SER A 108 -15.10 14.23 -11.25
N PHE A 109 -15.03 15.10 -12.25
CA PHE A 109 -13.82 15.28 -13.03
C PHE A 109 -13.51 16.75 -13.22
N GLY A 110 -12.23 17.06 -13.09
CA GLY A 110 -11.75 18.41 -13.27
C GLY A 110 -10.28 18.49 -12.94
N HIS A 111 -9.57 19.26 -13.75
CA HIS A 111 -8.18 19.59 -13.51
C HIS A 111 -8.14 20.43 -12.23
N LEU A 112 -7.17 20.13 -11.37
CA LEU A 112 -6.93 20.87 -10.14
C LEU A 112 -7.20 22.38 -10.27
N LYS A 113 -6.77 22.97 -11.39
CA LYS A 113 -6.82 24.42 -11.56
C LYS A 113 -8.23 25.01 -11.62
N ASP A 114 -9.21 24.16 -11.91
CA ASP A 114 -10.59 24.59 -12.14
C ASP A 114 -11.56 24.17 -11.05
N VAL A 115 -11.10 23.32 -10.13
CA VAL A 115 -11.98 22.82 -9.08
C VAL A 115 -12.41 23.95 -8.15
N THR A 116 -13.72 24.08 -7.98
CA THR A 116 -14.30 25.19 -7.22
C THR A 116 -14.57 24.74 -5.79
N GLU A 117 -14.76 25.73 -4.91
CA GLU A 117 -15.26 25.49 -3.57
C GLU A 117 -16.56 24.67 -3.59
N GLU A 118 -17.49 25.04 -4.48
CA GLU A 118 -18.76 24.34 -4.59
C GLU A 118 -18.66 22.89 -5.05
N GLU A 119 -17.78 22.63 -6.01
CA GLU A 119 -17.57 21.26 -6.48
C GLU A 119 -16.93 20.39 -5.41
N PHE A 120 -15.96 20.96 -4.69
CA PHE A 120 -15.34 20.24 -3.56
C PHE A 120 -16.43 19.83 -2.58
N ASP A 121 -17.26 20.79 -2.19
CA ASP A 121 -18.28 20.55 -1.18
C ASP A 121 -19.36 19.59 -1.65
N ARG A 122 -19.76 19.71 -2.91
CA ARG A 122 -20.74 18.77 -3.48
C ARG A 122 -20.26 17.33 -3.27
N VAL A 123 -19.00 17.08 -3.56
CA VAL A 123 -18.46 15.72 -3.56
C VAL A 123 -18.20 15.16 -2.17
N PHE A 124 -17.48 15.93 -1.34
CA PHE A 124 -17.07 15.53 0.01
C PHE A 124 -18.22 15.44 1.01
N SER A 125 -19.28 16.21 0.77
CA SER A 125 -20.41 16.24 1.70
C SER A 125 -21.11 14.89 1.67
N LEU A 126 -21.14 14.29 0.48
CA LEU A 126 -21.75 12.96 0.31
C LEU A 126 -20.77 11.80 0.48
N ASN A 127 -19.70 11.82 -0.31
CA ASN A 127 -18.75 10.70 -0.39
C ASN A 127 -17.93 10.46 0.88
N THR A 128 -17.72 11.50 1.69
CA THR A 128 -16.79 11.39 2.81
C THR A 128 -17.44 11.70 4.14
N ARG A 129 -17.92 12.94 4.28
CA ARG A 129 -18.69 13.37 5.44
C ARG A 129 -19.94 12.52 5.60
N GLY A 130 -20.71 12.39 4.53
CA GLY A 130 -21.90 11.53 4.51
C GLY A 130 -21.62 10.12 4.99
N GLN A 131 -20.66 9.45 4.36
CA GLN A 131 -20.29 8.08 4.71
C GLN A 131 -19.79 8.04 6.14
N PHE A 132 -18.99 9.03 6.54
CA PHE A 132 -18.47 9.06 7.91
C PHE A 132 -19.61 9.01 8.95
N PHE A 133 -20.68 9.78 8.71
CA PHE A 133 -21.79 9.85 9.68
C PHE A 133 -22.85 8.74 9.53
N VAL A 134 -22.88 8.11 8.36
CA VAL A 134 -23.64 6.89 8.18
C VAL A 134 -23.04 5.80 9.06
N ALA A 135 -21.71 5.76 9.09
CA ALA A 135 -20.97 4.83 9.93
C ALA A 135 -21.24 5.08 11.40
N ARG A 136 -21.22 6.36 11.79
CA ARG A 136 -21.52 6.75 13.18
C ARG A 136 -22.90 6.28 13.59
N GLU A 137 -23.90 6.57 12.77
CA GLU A 137 -25.27 6.21 13.10
C GLU A 137 -25.47 4.70 13.10
N ALA A 138 -24.75 4.03 12.20
CA ALA A 138 -24.73 2.58 12.14
C ALA A 138 -24.18 2.00 13.44
N TYR A 139 -22.99 2.42 13.86
CA TYR A 139 -22.45 1.96 15.13
C TYR A 139 -23.46 2.16 16.26
N ARG A 140 -24.03 3.37 16.35
CA ARG A 140 -24.98 3.72 17.41
C ARG A 140 -26.23 2.83 17.46
N HIS A 141 -26.69 2.39 16.29
CA HIS A 141 -27.97 1.68 16.16
C HIS A 141 -27.86 0.15 16.07
N LEU A 142 -26.71 -0.34 15.58
CA LEU A 142 -26.53 -1.77 15.36
C LEU A 142 -26.54 -2.65 16.60
N THR A 143 -26.85 -3.93 16.40
CA THR A 143 -26.79 -4.98 17.42
C THR A 143 -25.36 -5.52 17.53
N GLU A 144 -25.03 -6.13 18.67
CA GLU A 144 -23.73 -6.79 18.84
C GLU A 144 -23.48 -7.73 17.67
N GLY A 145 -22.24 -7.74 17.18
CA GLY A 145 -21.87 -8.63 16.08
C GLY A 145 -22.32 -8.17 14.70
N GLY A 146 -22.57 -6.88 14.54
CA GLY A 146 -23.09 -6.32 13.28
C GLY A 146 -22.03 -6.08 12.23
N ARG A 147 -22.46 -5.56 11.09
CA ARG A 147 -21.58 -5.32 9.95
C ARG A 147 -21.82 -3.94 9.37
N ILE A 148 -20.72 -3.25 9.11
CA ILE A 148 -20.76 -1.98 8.39
C ILE A 148 -19.83 -2.10 7.19
N VAL A 149 -20.34 -1.71 6.03
CA VAL A 149 -19.54 -1.68 4.79
C VAL A 149 -19.68 -0.31 4.15
N LEU A 150 -18.56 0.37 3.94
CA LEU A 150 -18.56 1.63 3.22
C LEU A 150 -18.09 1.41 1.77
N THR A 151 -18.09 2.46 0.97
CA THR A 151 -17.75 2.33 -0.43
C THR A 151 -16.58 3.23 -0.84
N SER A 152 -15.52 2.61 -1.35
CA SER A 152 -14.38 3.37 -1.84
C SER A 152 -14.33 3.31 -3.37
N SER A 153 -13.12 3.19 -3.92
CA SER A 153 -12.90 3.28 -5.35
C SER A 153 -11.55 2.65 -5.66
N ASN A 154 -11.41 2.04 -6.83
CA ASN A 154 -10.08 1.63 -7.30
C ASN A 154 -9.19 2.85 -7.57
N THR A 155 -9.82 4.00 -7.76
CA THR A 155 -9.11 5.26 -8.02
C THR A 155 -8.60 5.89 -6.73
N SER A 156 -8.99 5.33 -5.60
CA SER A 156 -8.55 5.79 -4.30
C SER A 156 -7.04 5.60 -4.12
N LYS A 157 -6.54 4.45 -4.56
CA LYS A 157 -5.20 4.01 -4.25
C LYS A 157 -4.58 3.28 -5.44
N ASP A 158 -5.38 2.46 -6.12
CA ASP A 158 -4.90 1.46 -7.09
C ASP A 158 -4.83 1.92 -8.55
N PHE A 159 -5.58 2.97 -8.88
CA PHE A 159 -5.71 3.42 -10.27
C PHE A 159 -5.57 4.95 -10.32
N SER A 160 -4.66 5.44 -11.15
CA SER A 160 -4.41 6.88 -11.21
C SER A 160 -4.88 7.51 -12.52
N VAL A 161 -5.89 8.38 -12.43
CA VAL A 161 -6.49 9.00 -13.62
C VAL A 161 -6.34 10.53 -13.55
N PRO A 162 -5.88 11.16 -14.65
CA PRO A 162 -5.80 12.62 -14.70
C PRO A 162 -7.15 13.28 -14.45
N LYS A 163 -7.11 14.47 -13.84
CA LYS A 163 -8.31 15.30 -13.60
C LYS A 163 -9.31 14.66 -12.62
N HIS A 164 -8.82 13.74 -11.79
CA HIS A 164 -9.67 12.93 -10.94
C HIS A 164 -9.29 13.05 -9.47
N SER A 165 -8.64 14.14 -9.10
CA SER A 165 -8.07 14.30 -7.77
C SER A 165 -9.10 14.42 -6.64
N LEU A 166 -10.15 15.20 -6.86
CA LEU A 166 -11.19 15.41 -5.87
C LEU A 166 -11.87 14.10 -5.46
N TYR A 167 -12.34 13.35 -6.45
CA TYR A 167 -13.06 12.10 -6.20
C TYR A 167 -12.15 11.06 -5.56
N SER A 168 -10.93 10.93 -6.09
CA SER A 168 -9.95 9.98 -5.57
C SER A 168 -9.69 10.23 -4.09
N GLY A 169 -9.44 11.50 -3.76
CA GLY A 169 -9.23 11.94 -2.38
C GLY A 169 -10.42 11.64 -1.47
N SER A 170 -11.63 11.81 -1.98
CA SER A 170 -12.86 11.59 -1.20
C SER A 170 -13.00 10.14 -0.76
N LYS A 171 -12.48 9.23 -1.57
CA LYS A 171 -12.51 7.82 -1.26
C LYS A 171 -11.28 7.37 -0.45
N GLY A 172 -10.17 8.11 -0.59
CA GLY A 172 -8.98 7.88 0.21
C GLY A 172 -9.27 8.04 1.70
N ALA A 173 -10.07 9.04 2.04
CA ALA A 173 -10.53 9.23 3.41
C ALA A 173 -11.27 7.99 3.91
N VAL A 174 -12.17 7.46 3.08
CA VAL A 174 -12.95 6.29 3.43
C VAL A 174 -12.06 5.08 3.72
N ASP A 175 -10.98 4.91 2.94
CA ASP A 175 -9.98 3.87 3.18
C ASP A 175 -9.38 3.93 4.58
N SER A 176 -8.94 5.11 4.98
CA SER A 176 -8.41 5.34 6.33
C SER A 176 -9.50 5.22 7.40
N PHE A 177 -10.70 5.73 7.09
CA PHE A 177 -11.85 5.64 7.98
C PHE A 177 -12.12 4.21 8.45
N VAL A 178 -12.28 3.28 7.51
CA VAL A 178 -12.71 1.93 7.88
C VAL A 178 -11.66 1.15 8.68
N ARG A 179 -10.38 1.48 8.46
CA ARG A 179 -9.31 0.80 9.19
C ARG A 179 -9.35 1.16 10.67
N ILE A 180 -9.59 2.44 10.95
CA ILE A 180 -9.72 2.92 12.33
C ILE A 180 -11.11 2.63 12.93
N PHE A 181 -12.16 2.73 12.13
CA PHE A 181 -13.51 2.39 12.58
C PHE A 181 -13.57 0.99 13.16
N SER A 182 -12.83 0.06 12.54
CA SER A 182 -12.82 -1.33 13.00
C SER A 182 -12.30 -1.46 14.43
N LYS A 183 -11.40 -0.56 14.82
CA LYS A 183 -10.87 -0.51 16.19
C LYS A 183 -11.93 -0.07 17.19
N ASP A 184 -12.64 1.01 16.85
CA ASP A 184 -13.68 1.58 17.73
C ASP A 184 -14.90 0.67 17.80
N CYS A 185 -15.35 0.18 16.64
CA CYS A 185 -16.56 -0.62 16.51
C CYS A 185 -16.45 -2.03 17.07
N GLY A 186 -15.22 -2.45 17.33
CA GLY A 186 -14.97 -3.73 17.99
C GLY A 186 -15.57 -3.87 19.37
N ASP A 187 -15.83 -2.77 20.06
CA ASP A 187 -16.41 -2.88 21.41
C ASP A 187 -17.87 -3.35 21.39
N LYS A 188 -18.47 -3.35 20.20
CA LYS A 188 -19.78 -3.95 19.96
C LYS A 188 -19.69 -5.14 18.99
N LYS A 189 -18.49 -5.72 18.88
CA LYS A 189 -18.20 -6.83 17.95
C LYS A 189 -18.65 -6.59 16.50
N ILE A 190 -18.58 -5.34 16.04
CA ILE A 190 -18.98 -4.97 14.69
C ILE A 190 -17.74 -4.90 13.78
N THR A 191 -17.84 -5.51 12.59
CA THR A 191 -16.75 -5.38 11.63
C THR A 191 -17.05 -4.26 10.67
N VAL A 192 -15.99 -3.55 10.27
CA VAL A 192 -16.10 -2.46 9.32
C VAL A 192 -15.14 -2.69 8.17
N ASN A 193 -15.70 -2.69 6.96
CA ASN A 193 -14.93 -2.88 5.74
C ASN A 193 -15.39 -1.91 4.66
N ALA A 194 -14.66 -1.90 3.55
CA ALA A 194 -15.06 -1.14 2.37
C ALA A 194 -14.85 -1.96 1.10
N VAL A 195 -15.78 -1.85 0.18
CA VAL A 195 -15.57 -2.37 -1.15
C VAL A 195 -15.09 -1.21 -2.02
N ALA A 196 -14.06 -1.45 -2.83
CA ALA A 196 -13.57 -0.46 -3.76
C ALA A 196 -13.73 -0.96 -5.19
N PRO A 197 -14.90 -0.70 -5.80
CA PRO A 197 -15.12 -1.16 -7.17
C PRO A 197 -14.23 -0.43 -8.20
N GLY A 198 -13.96 -1.11 -9.31
CA GLY A 198 -13.45 -0.47 -10.51
C GLY A 198 -14.63 -0.09 -11.37
N GLY A 199 -14.38 0.10 -12.67
CA GLY A 199 -15.45 0.41 -13.60
C GLY A 199 -16.59 -0.59 -13.56
N THR A 200 -17.72 -0.18 -13.00
CA THR A 200 -18.90 -1.01 -12.85
C THR A 200 -20.04 -0.37 -13.63
N VAL A 201 -20.73 -1.16 -14.45
CA VAL A 201 -21.73 -0.63 -15.37
C VAL A 201 -23.02 -0.17 -14.68
N THR A 202 -23.13 1.14 -14.54
CA THR A 202 -24.28 1.83 -13.95
C THR A 202 -24.36 3.20 -14.61
N ASP A 203 -25.30 4.03 -14.19
CA ASP A 203 -25.38 5.43 -14.64
C ASP A 203 -24.06 6.21 -14.43
N MET A 204 -23.36 5.94 -13.33
CA MET A 204 -22.08 6.58 -13.07
C MET A 204 -21.06 6.25 -14.15
N PHE A 205 -21.06 4.99 -14.56
CA PHE A 205 -20.15 4.52 -15.60
C PHE A 205 -20.33 5.35 -16.86
N HIS A 206 -21.57 5.47 -17.33
CA HIS A 206 -21.88 6.22 -18.57
C HIS A 206 -21.62 7.71 -18.41
N GLU A 207 -21.69 8.18 -17.17
CA GLU A 207 -21.42 9.58 -16.85
C GLU A 207 -19.96 9.96 -17.14
N VAL A 208 -19.02 9.12 -16.72
CA VAL A 208 -17.62 9.50 -16.80
C VAL A 208 -16.64 8.55 -17.50
N SER A 209 -17.13 7.54 -18.22
CA SER A 209 -16.25 6.55 -18.86
C SER A 209 -15.27 7.19 -19.86
N HIS A 210 -15.71 8.26 -20.52
CA HIS A 210 -14.88 9.02 -21.46
C HIS A 210 -13.69 9.71 -20.79
N HIS A 211 -13.78 9.95 -19.50
CA HIS A 211 -12.67 10.55 -18.74
C HIS A 211 -11.60 9.53 -18.36
N TYR A 212 -11.94 8.24 -18.39
CA TYR A 212 -11.02 7.15 -18.04
C TYR A 212 -10.23 6.59 -19.24
N ILE A 213 -10.51 7.15 -20.42
CA ILE A 213 -9.93 6.68 -21.67
C ILE A 213 -9.31 7.84 -22.44
N PRO A 214 -8.05 7.67 -22.91
CA PRO A 214 -7.42 8.67 -23.76
C PRO A 214 -8.25 8.93 -25.03
N ASN A 215 -8.66 10.18 -25.20
CA ASN A 215 -9.56 10.60 -26.29
C ASN A 215 -10.92 9.89 -26.22
N GLY A 216 -11.45 9.76 -25.00
CA GLY A 216 -12.73 9.08 -24.76
C GLY A 216 -13.88 9.64 -25.58
N THR A 217 -13.83 10.95 -25.85
CA THR A 217 -14.85 11.65 -26.65
C THR A 217 -14.99 11.06 -28.05
N SER A 218 -13.88 10.52 -28.56
CA SER A 218 -13.85 9.98 -29.92
C SER A 218 -14.22 8.49 -29.99
N TYR A 219 -14.85 7.98 -28.92
CA TYR A 219 -15.40 6.63 -28.92
C TYR A 219 -16.89 6.67 -28.58
N THR A 220 -17.64 5.72 -29.12
CA THR A 220 -19.06 5.55 -28.74
C THR A 220 -19.16 5.04 -27.30
N ALA A 221 -20.34 5.16 -26.71
CA ALA A 221 -20.59 4.65 -25.35
C ALA A 221 -20.29 3.14 -25.24
N GLU A 222 -20.78 2.38 -26.22
CA GLU A 222 -20.54 0.95 -26.36
C GLU A 222 -19.06 0.59 -26.51
N GLN A 223 -18.31 1.34 -27.33
CA GLN A 223 -16.86 1.13 -27.49
C GLN A 223 -16.09 1.35 -26.20
N ARG A 224 -16.56 2.31 -25.41
CA ARG A 224 -15.97 2.61 -24.11
C ARG A 224 -16.24 1.48 -23.13
N GLN A 225 -17.43 0.91 -23.19
CA GLN A 225 -17.77 -0.24 -22.34
C GLN A 225 -16.91 -1.45 -22.69
N GLN A 226 -16.71 -1.70 -23.98
CA GLN A 226 -15.83 -2.78 -24.45
C GLN A 226 -14.37 -2.59 -24.06
N MET A 227 -13.88 -1.34 -24.10
CA MET A 227 -12.51 -1.04 -23.72
C MET A 227 -12.32 -1.22 -22.21
N ALA A 228 -13.36 -0.86 -21.45
CA ALA A 228 -13.35 -1.03 -20.00
C ALA A 228 -13.32 -2.51 -19.64
N ALA A 229 -13.97 -3.32 -20.47
CA ALA A 229 -14.04 -4.77 -20.27
C ALA A 229 -12.67 -5.41 -20.42
N HIS A 230 -11.83 -4.82 -21.27
CA HIS A 230 -10.48 -5.31 -21.50
C HIS A 230 -9.49 -4.82 -20.44
N ALA A 231 -9.90 -3.92 -19.57
CA ALA A 231 -9.09 -3.55 -18.41
C ALA A 231 -8.79 -4.79 -17.56
N SER A 232 -9.86 -5.49 -17.17
CA SER A 232 -9.74 -6.78 -16.50
C SER A 232 -9.17 -7.86 -17.43
N PRO A 233 -8.22 -8.67 -16.93
CA PRO A 233 -7.71 -9.81 -17.69
C PRO A 233 -8.75 -10.92 -17.91
N LEU A 234 -9.93 -10.77 -17.32
CA LEU A 234 -11.05 -11.67 -17.56
C LEU A 234 -11.91 -11.26 -18.78
N HIS A 235 -11.55 -10.14 -19.41
CA HIS A 235 -12.23 -9.59 -20.58
C HIS A 235 -13.75 -9.47 -20.40
N ARG A 236 -14.17 -8.90 -19.27
CA ARG A 236 -15.58 -8.55 -19.09
C ARG A 236 -15.66 -7.31 -18.22
N ASN A 237 -16.83 -6.67 -18.18
CA ASN A 237 -17.08 -5.55 -17.31
C ASN A 237 -17.38 -6.00 -15.89
N GLY A 238 -17.16 -5.10 -14.94
CA GLY A 238 -17.71 -5.25 -13.60
C GLY A 238 -19.17 -4.87 -13.64
N TRP A 239 -19.98 -5.62 -12.90
CA TRP A 239 -21.41 -5.36 -12.81
C TRP A 239 -21.78 -5.12 -11.35
N PRO A 240 -22.92 -4.46 -11.11
CA PRO A 240 -23.36 -4.26 -9.73
C PRO A 240 -23.47 -5.56 -8.93
N GLN A 241 -23.81 -6.67 -9.59
CA GLN A 241 -23.91 -7.96 -8.91
C GLN A 241 -22.57 -8.44 -8.35
N ASP A 242 -21.48 -8.09 -9.02
CA ASP A 242 -20.13 -8.46 -8.58
C ASP A 242 -19.82 -7.84 -7.21
N VAL A 243 -20.23 -6.59 -7.06
CA VAL A 243 -20.03 -5.86 -5.83
C VAL A 243 -20.99 -6.41 -4.78
N ALA A 244 -22.25 -6.59 -5.15
CA ALA A 244 -23.22 -7.27 -4.29
C ALA A 244 -22.69 -8.61 -3.75
N ASN A 245 -22.24 -9.49 -4.64
CA ASN A 245 -21.66 -10.77 -4.22
C ASN A 245 -20.66 -10.65 -3.05
N VAL A 246 -19.75 -9.68 -3.15
CA VAL A 246 -18.72 -9.47 -2.12
C VAL A 246 -19.29 -8.86 -0.83
N VAL A 247 -20.13 -7.83 -0.96
CA VAL A 247 -20.83 -7.28 0.20
C VAL A 247 -21.56 -8.41 0.94
N GLY A 248 -22.30 -9.23 0.19
CA GLY A 248 -22.95 -10.43 0.74
C GLY A 248 -22.05 -11.28 1.61
N PHE A 249 -20.83 -11.54 1.14
CA PHE A 249 -19.89 -12.35 1.91
C PHE A 249 -19.34 -11.59 3.13
N LEU A 250 -19.02 -10.31 2.93
CA LEU A 250 -18.51 -9.47 4.01
C LEU A 250 -19.48 -9.39 5.18
N VAL A 251 -20.77 -9.31 4.87
CA VAL A 251 -21.79 -9.09 5.89
C VAL A 251 -22.37 -10.39 6.45
N SER A 252 -21.80 -11.51 6.00
CA SER A 252 -22.19 -12.83 6.50
C SER A 252 -21.37 -13.22 7.73
N LYS A 253 -21.84 -14.22 8.47
CA LYS A 253 -21.14 -14.74 9.65
C LYS A 253 -19.74 -15.17 9.27
N GLU A 254 -19.64 -15.79 8.09
CA GLU A 254 -18.39 -16.34 7.55
C GLU A 254 -17.34 -15.26 7.23
N GLY A 255 -17.79 -14.03 6.95
CA GLY A 255 -16.88 -12.96 6.53
C GLY A 255 -16.21 -12.18 7.65
N GLU A 256 -16.47 -12.59 8.89
CA GLU A 256 -16.04 -11.88 10.10
C GLU A 256 -14.55 -11.58 10.16
N TRP A 257 -13.72 -12.52 9.73
CA TRP A 257 -12.29 -12.31 9.86
C TRP A 257 -11.70 -11.30 8.85
N VAL A 258 -12.48 -10.93 7.83
CA VAL A 258 -12.21 -9.73 7.05
C VAL A 258 -12.76 -8.55 7.85
N ASN A 259 -11.86 -7.70 8.35
CA ASN A 259 -12.24 -6.59 9.22
C ASN A 259 -11.23 -5.44 9.09
N GLY A 260 -11.76 -4.24 8.87
CA GLY A 260 -10.93 -3.06 8.73
C GLY A 260 -10.21 -3.01 7.41
N LYS A 261 -10.72 -3.73 6.41
CA LYS A 261 -10.04 -3.82 5.13
C LYS A 261 -10.83 -3.17 4.00
N VAL A 262 -10.08 -2.76 2.98
CA VAL A 262 -10.66 -2.24 1.76
C VAL A 262 -10.40 -3.26 0.66
N LEU A 263 -11.47 -3.74 0.03
CA LEU A 263 -11.35 -4.75 -1.04
C LEU A 263 -11.60 -4.13 -2.40
N THR A 264 -10.56 -4.08 -3.21
CA THR A 264 -10.68 -3.56 -4.57
C THR A 264 -11.30 -4.64 -5.45
N LEU A 265 -12.35 -4.26 -6.19
CA LEU A 265 -13.12 -5.21 -6.98
C LEU A 265 -13.17 -4.74 -8.42
N ASP A 266 -12.12 -5.09 -9.16
CA ASP A 266 -11.93 -4.59 -10.53
C ASP A 266 -11.69 -5.73 -11.49
N GLY A 267 -11.98 -6.95 -11.04
CA GLY A 267 -11.73 -8.16 -11.82
C GLY A 267 -10.26 -8.45 -12.13
N GLY A 268 -9.37 -7.86 -11.33
CA GLY A 268 -7.94 -8.06 -11.52
C GLY A 268 -7.29 -7.04 -12.45
N ALA A 269 -7.94 -5.90 -12.63
CA ALA A 269 -7.44 -4.82 -13.50
C ALA A 269 -6.14 -4.20 -12.99
N ALA A 270 -6.07 -3.97 -11.67
CA ALA A 270 -4.94 -3.29 -11.02
C ALA A 270 -3.64 -4.08 -11.11
N THR B 10 25.63 30.67 -8.04
CA THR B 10 26.68 29.63 -8.26
C THR B 10 26.19 28.25 -7.77
N TYR B 11 25.79 27.39 -8.72
CA TYR B 11 24.90 26.29 -8.37
C TYR B 11 25.50 25.17 -7.53
N ILE B 12 25.01 25.09 -6.29
CA ILE B 12 25.33 24.00 -5.37
C ILE B 12 24.13 23.04 -5.34
N PRO B 13 24.38 21.73 -5.58
CA PRO B 13 23.30 20.74 -5.52
C PRO B 13 22.58 20.75 -4.16
N GLY B 14 21.26 20.87 -4.21
CA GLY B 14 20.42 20.86 -3.02
C GLY B 14 20.05 22.23 -2.51
N ARG B 15 20.70 23.27 -3.04
CA ARG B 15 20.42 24.66 -2.64
C ARG B 15 19.32 25.32 -3.48
N LEU B 16 18.80 26.43 -2.96
CA LEU B 16 17.62 27.09 -3.53
C LEU B 16 17.80 28.60 -3.70
N ASP B 17 19.01 29.00 -4.11
CA ASP B 17 19.29 30.39 -4.43
C ASP B 17 18.45 30.89 -5.61
N GLY B 18 17.82 32.05 -5.43
CA GLY B 18 16.96 32.60 -6.46
C GLY B 18 15.53 32.15 -6.31
N LYS B 19 15.30 31.14 -5.47
CA LYS B 19 13.98 30.55 -5.29
C LYS B 19 13.17 31.26 -4.22
N VAL B 20 11.85 31.19 -4.38
CA VAL B 20 10.91 31.79 -3.44
C VAL B 20 9.98 30.69 -2.93
N ALA B 21 9.89 30.55 -1.61
CA ALA B 21 9.08 29.47 -0.99
C ALA B 21 8.01 30.02 -0.05
N LEU B 22 6.93 29.26 0.08
CA LEU B 22 5.83 29.62 0.97
C LEU B 22 5.48 28.42 1.81
N VAL B 23 5.43 28.62 3.12
CA VAL B 23 5.04 27.56 4.05
C VAL B 23 3.84 28.03 4.88
N THR B 24 2.73 27.31 4.79
CA THR B 24 1.57 27.62 5.62
C THR B 24 1.80 27.14 7.06
N GLY B 25 1.32 27.90 8.01
CA GLY B 25 1.46 27.57 9.43
C GLY B 25 2.90 27.47 9.87
N SER B 26 3.73 28.44 9.46
CA SER B 26 5.16 28.35 9.70
C SER B 26 5.67 29.24 10.83
N GLY B 27 4.77 29.74 11.65
CA GLY B 27 5.15 30.51 12.83
C GLY B 27 5.68 29.60 13.93
N ARG B 28 5.22 28.35 13.94
CA ARG B 28 5.65 27.37 14.95
C ARG B 28 5.53 25.95 14.42
N GLY B 29 6.09 24.99 15.17
CA GLY B 29 5.97 23.57 14.83
C GLY B 29 6.85 23.13 13.68
N ILE B 30 6.39 22.12 12.94
CA ILE B 30 7.12 21.58 11.80
C ILE B 30 7.36 22.67 10.75
N GLY B 31 6.30 23.42 10.44
CA GLY B 31 6.33 24.50 9.45
C GLY B 31 7.39 25.57 9.67
N ALA B 32 7.69 25.87 10.93
CA ALA B 32 8.73 26.86 11.25
C ALA B 32 10.11 26.33 10.88
N ALA B 33 10.36 25.07 11.23
CA ALA B 33 11.62 24.42 10.90
C ALA B 33 11.81 24.34 9.38
N VAL B 34 10.72 24.06 8.67
CA VAL B 34 10.73 23.98 7.21
C VAL B 34 11.07 25.37 6.62
N ALA B 35 10.34 26.39 7.07
CA ALA B 35 10.53 27.75 6.60
C ALA B 35 11.95 28.26 6.86
N VAL B 36 12.44 28.05 8.08
CA VAL B 36 13.81 28.38 8.43
C VAL B 36 14.77 27.59 7.54
N HIS B 37 14.49 26.30 7.35
CA HIS B 37 15.42 25.44 6.61
C HIS B 37 15.57 25.85 5.14
N LEU B 38 14.44 26.11 4.49
CA LEU B 38 14.40 26.60 3.11
C LEU B 38 15.16 27.92 2.95
N GLY B 39 15.12 28.73 4.00
CA GLY B 39 15.85 30.00 4.03
C GLY B 39 17.34 29.75 4.08
N ARG B 40 17.74 28.77 4.88
CA ARG B 40 19.15 28.37 4.98
C ARG B 40 19.63 27.82 3.64
N LEU B 41 18.74 27.16 2.91
CA LEU B 41 19.08 26.61 1.58
C LEU B 41 19.20 27.70 0.51
N GLY B 42 18.80 28.92 0.86
CA GLY B 42 18.94 30.08 -0.02
C GLY B 42 17.63 30.70 -0.45
N ALA B 43 16.51 30.03 -0.21
CA ALA B 43 15.22 30.54 -0.65
C ALA B 43 14.80 31.78 0.13
N LYS B 44 14.08 32.68 -0.55
CA LYS B 44 13.32 33.72 0.12
C LYS B 44 11.99 33.10 0.55
N VAL B 45 11.52 33.44 1.75
CA VAL B 45 10.37 32.71 2.32
C VAL B 45 9.19 33.59 2.69
N VAL B 46 8.00 33.07 2.45
CA VAL B 46 6.76 33.68 2.94
C VAL B 46 6.24 32.87 4.12
N VAL B 47 6.28 33.47 5.31
CA VAL B 47 5.90 32.80 6.55
C VAL B 47 4.42 33.05 6.84
N ASN B 48 3.62 31.99 6.87
CA ASN B 48 2.18 32.12 7.11
C ASN B 48 1.74 31.73 8.53
N TYR B 49 0.83 32.54 9.08
CA TYR B 49 0.25 32.26 10.38
C TYR B 49 -1.24 32.61 10.40
N ALA B 50 -1.95 32.10 11.39
CA ALA B 50 -3.34 32.50 11.62
C ALA B 50 -3.52 33.17 12.98
N ASN B 51 -2.68 32.82 13.94
CA ASN B 51 -2.81 33.30 15.32
C ASN B 51 -1.49 33.72 15.97
N SER B 52 -0.41 33.00 15.64
CA SER B 52 0.89 33.20 16.28
C SER B 52 1.71 34.34 15.64
N THR B 53 1.24 35.57 15.83
CA THR B 53 1.88 36.73 15.22
C THR B 53 3.33 36.83 15.67
N LYS B 54 3.53 36.87 17.00
CA LYS B 54 4.84 37.05 17.59
C LYS B 54 5.84 35.99 17.12
N ASP B 55 5.39 34.73 17.08
CA ASP B 55 6.25 33.62 16.63
C ASP B 55 6.59 33.71 15.14
N ALA B 56 5.64 34.17 14.34
CA ALA B 56 5.89 34.38 12.92
C ALA B 56 6.96 35.44 12.68
N GLU B 57 6.93 36.52 13.48
CA GLU B 57 7.92 37.58 13.41
C GLU B 57 9.31 37.01 13.70
N LYS B 58 9.39 36.13 14.71
CA LYS B 58 10.65 35.51 15.10
C LYS B 58 11.23 34.68 13.96
N VAL B 59 10.37 33.92 13.28
CA VAL B 59 10.78 33.11 12.14
C VAL B 59 11.34 34.01 11.03
N VAL B 60 10.60 35.08 10.70
CA VAL B 60 11.07 36.09 9.75
C VAL B 60 12.49 36.55 10.10
N SER B 61 12.68 36.98 11.35
CA SER B 61 13.97 37.44 11.86
C SER B 61 15.06 36.38 11.78
N GLU B 62 14.68 35.12 11.99
CA GLU B 62 15.61 34.01 11.98
C GLU B 62 16.11 33.82 10.56
N ILE B 63 15.19 33.92 9.60
CA ILE B 63 15.49 33.78 8.18
C ILE B 63 16.35 34.95 7.65
N LYS B 64 16.14 36.14 8.20
CA LYS B 64 16.95 37.30 7.82
C LYS B 64 18.36 37.26 8.41
N ALA B 65 18.50 36.68 9.60
CA ALA B 65 19.78 36.64 10.29
C ALA B 65 20.74 35.63 9.67
N LEU B 66 20.24 34.74 8.81
CA LEU B 66 21.12 33.75 8.17
C LEU B 66 21.37 34.04 6.68
N GLY B 67 20.98 35.24 6.24
CA GLY B 67 21.40 35.77 4.94
C GLY B 67 20.37 35.65 3.85
N SER B 68 19.10 35.65 4.24
CA SER B 68 18.00 35.53 3.30
C SER B 68 16.91 36.55 3.65
N ASP B 69 15.79 36.47 2.94
CA ASP B 69 14.71 37.43 3.11
C ASP B 69 13.39 36.71 3.35
N ALA B 70 12.53 37.32 4.15
CA ALA B 70 11.23 36.72 4.46
C ALA B 70 10.19 37.76 4.86
N ILE B 71 8.93 37.37 4.71
CA ILE B 71 7.80 38.22 5.01
C ILE B 71 6.77 37.38 5.77
N ALA B 72 6.06 38.00 6.69
CA ALA B 72 5.01 37.31 7.43
C ALA B 72 3.64 37.74 6.90
N ILE B 73 2.86 36.77 6.41
CA ILE B 73 1.51 37.07 5.96
C ILE B 73 0.46 36.25 6.74
N LYS B 74 -0.52 36.96 7.31
CA LYS B 74 -1.62 36.36 8.06
C LYS B 74 -2.73 35.87 7.11
N ALA B 75 -3.10 34.60 7.25
CA ALA B 75 -4.18 34.04 6.45
C ALA B 75 -4.72 32.78 7.11
N ASP B 76 -6.02 32.77 7.36
CA ASP B 76 -6.70 31.57 7.83
C ASP B 76 -6.83 30.64 6.64
N ILE B 77 -6.23 29.46 6.72
CA ILE B 77 -6.18 28.56 5.56
C ILE B 77 -7.52 27.85 5.34
N ARG B 78 -8.41 27.93 6.33
CA ARG B 78 -9.78 27.45 6.17
C ARG B 78 -10.57 28.31 5.17
N GLN B 79 -10.19 29.57 5.07
CA GLN B 79 -10.86 30.50 4.15
C GLN B 79 -10.19 30.49 2.80
N VAL B 80 -10.89 29.97 1.80
CA VAL B 80 -10.31 29.90 0.46
C VAL B 80 -9.98 31.29 -0.14
N PRO B 81 -10.88 32.29 0.00
CA PRO B 81 -10.48 33.63 -0.47
C PRO B 81 -9.22 34.23 0.21
N GLU B 82 -8.85 33.72 1.39
CA GLU B 82 -7.62 34.17 2.06
C GLU B 82 -6.39 33.41 1.57
N ILE B 83 -6.60 32.19 1.08
CA ILE B 83 -5.55 31.44 0.39
C ILE B 83 -5.21 32.17 -0.91
N VAL B 84 -6.23 32.55 -1.68
CA VAL B 84 -6.04 33.28 -2.92
C VAL B 84 -5.19 34.52 -2.69
N LYS B 85 -5.59 35.33 -1.71
CA LYS B 85 -4.87 36.55 -1.34
C LYS B 85 -3.44 36.28 -0.88
N LEU B 86 -3.24 35.23 -0.07
CA LEU B 86 -1.88 34.90 0.42
C LEU B 86 -0.93 34.66 -0.75
N PHE B 87 -1.38 33.86 -1.71
CA PHE B 87 -0.62 33.59 -2.92
C PHE B 87 -0.47 34.82 -3.81
N ASP B 88 -1.53 35.62 -3.95
CA ASP B 88 -1.43 36.88 -4.70
C ASP B 88 -0.36 37.78 -4.11
N GLN B 89 -0.27 37.83 -2.78
CA GLN B 89 0.67 38.73 -2.08
C GLN B 89 2.10 38.23 -2.14
N ALA B 90 2.28 36.92 -2.10
CA ALA B 90 3.60 36.33 -2.16
C ALA B 90 4.24 36.63 -3.50
N VAL B 91 3.49 36.41 -4.58
CA VAL B 91 3.98 36.71 -5.92
C VAL B 91 4.19 38.21 -6.06
N ALA B 92 3.25 39.00 -5.52
CA ALA B 92 3.36 40.47 -5.57
C ALA B 92 4.63 40.99 -4.88
N HIS B 93 4.91 40.50 -3.67
CA HIS B 93 6.06 40.96 -2.91
C HIS B 93 7.42 40.53 -3.50
N PHE B 94 7.57 39.24 -3.77
CA PHE B 94 8.86 38.69 -4.17
C PHE B 94 9.10 38.58 -5.70
N GLY B 95 8.04 38.76 -6.49
CA GLY B 95 8.15 38.76 -7.96
C GLY B 95 7.60 37.49 -8.59
N HIS B 96 7.88 36.35 -7.95
CA HIS B 96 7.47 35.04 -8.43
C HIS B 96 7.38 34.10 -7.23
N LEU B 97 6.77 32.94 -7.43
CA LEU B 97 6.71 31.88 -6.41
C LEU B 97 7.11 30.54 -7.02
N ASP B 98 8.00 29.82 -6.33
CA ASP B 98 8.57 28.56 -6.85
C ASP B 98 8.19 27.34 -6.04
N ILE B 99 8.00 27.52 -4.73
CA ILE B 99 7.83 26.41 -3.80
C ILE B 99 6.67 26.72 -2.89
N ALA B 100 5.77 25.75 -2.73
CA ALA B 100 4.68 25.86 -1.76
C ALA B 100 4.58 24.61 -0.88
N VAL B 101 4.75 24.82 0.42
CA VAL B 101 4.64 23.74 1.38
C VAL B 101 3.36 23.93 2.20
N SER B 102 2.41 23.02 2.01
CA SER B 102 1.18 23.03 2.79
C SER B 102 1.39 22.25 4.08
N ASN B 103 1.47 22.97 5.19
CA ASN B 103 1.80 22.37 6.49
C ASN B 103 0.69 22.47 7.57
N SER B 104 -0.04 23.59 7.59
CA SER B 104 -1.13 23.82 8.55
C SER B 104 -2.08 22.64 8.78
N GLY B 105 -2.24 22.26 10.04
CA GLY B 105 -3.09 21.12 10.41
C GLY B 105 -3.49 21.15 11.87
N VAL B 106 -4.57 20.46 12.18
CA VAL B 106 -4.99 20.25 13.56
C VAL B 106 -5.25 18.77 13.82
N VAL B 107 -5.00 18.34 15.05
CA VAL B 107 -5.22 16.95 15.44
C VAL B 107 -6.58 16.82 16.13
N SER B 108 -7.08 15.58 16.20
CA SER B 108 -8.37 15.32 16.81
C SER B 108 -8.45 13.89 17.29
N PHE B 109 -9.12 13.71 18.43
CA PHE B 109 -9.37 12.38 18.93
C PHE B 109 -10.79 12.27 19.42
N GLY B 110 -11.33 11.07 19.30
CA GLY B 110 -12.68 10.75 19.71
C GLY B 110 -13.10 9.43 19.10
N HIS B 111 -13.79 8.63 19.90
CA HIS B 111 -14.44 7.42 19.41
C HIS B 111 -15.44 7.88 18.36
N LEU B 112 -15.56 7.11 17.27
CA LEU B 112 -16.50 7.43 16.19
C LEU B 112 -17.87 7.86 16.72
N LYS B 113 -18.39 7.12 17.71
CA LYS B 113 -19.72 7.39 18.26
C LYS B 113 -19.92 8.80 18.81
N ASP B 114 -18.82 9.47 19.14
CA ASP B 114 -18.84 10.80 19.75
C ASP B 114 -18.52 11.94 18.79
N VAL B 115 -18.01 11.62 17.60
CA VAL B 115 -17.60 12.67 16.68
C VAL B 115 -18.82 13.45 16.14
N THR B 116 -18.79 14.77 16.33
CA THR B 116 -19.87 15.68 15.93
C THR B 116 -19.64 16.20 14.52
N GLU B 117 -20.68 16.74 13.89
CA GLU B 117 -20.55 17.48 12.62
C GLU B 117 -19.49 18.59 12.72
N GLU B 118 -19.57 19.39 13.80
CA GLU B 118 -18.70 20.55 13.99
C GLU B 118 -17.23 20.16 14.09
N GLU B 119 -16.95 19.06 14.79
CA GLU B 119 -15.58 18.57 14.91
C GLU B 119 -15.12 18.05 13.57
N PHE B 120 -15.97 17.27 12.91
CA PHE B 120 -15.65 16.83 11.55
C PHE B 120 -15.24 18.03 10.68
N ASP B 121 -16.09 19.06 10.64
CA ASP B 121 -15.83 20.25 9.84
C ASP B 121 -14.58 21.01 10.28
N ARG B 122 -14.34 21.09 11.59
CA ARG B 122 -13.15 21.76 12.13
C ARG B 122 -11.87 21.15 11.57
N VAL B 123 -11.81 19.82 11.56
CA VAL B 123 -10.64 19.10 11.09
C VAL B 123 -10.51 19.10 9.56
N PHE B 124 -11.58 18.74 8.86
CA PHE B 124 -11.55 18.64 7.39
C PHE B 124 -11.37 19.96 6.63
N SER B 125 -11.92 21.05 7.17
CA SER B 125 -11.81 22.35 6.49
C SER B 125 -10.36 22.85 6.41
N LEU B 126 -9.53 22.44 7.37
CA LEU B 126 -8.10 22.77 7.35
C LEU B 126 -7.25 21.66 6.72
N ASN B 127 -7.25 20.50 7.38
CA ASN B 127 -6.35 19.40 7.03
C ASN B 127 -6.49 18.88 5.61
N THR B 128 -7.69 19.07 5.02
CA THR B 128 -8.04 18.42 3.76
C THR B 128 -8.52 19.41 2.69
N ARG B 129 -9.61 20.10 2.99
CA ARG B 129 -10.15 21.15 2.12
C ARG B 129 -9.14 22.28 1.96
N GLY B 130 -8.61 22.76 3.09
CA GLY B 130 -7.57 23.77 3.10
C GLY B 130 -6.39 23.37 2.25
N GLN B 131 -5.83 22.19 2.52
CA GLN B 131 -4.66 21.74 1.79
C GLN B 131 -4.97 21.57 0.31
N PHE B 132 -6.19 21.14 0.00
CA PHE B 132 -6.61 20.99 -1.38
C PHE B 132 -6.51 22.34 -2.11
N PHE B 133 -7.08 23.39 -1.51
CA PHE B 133 -7.12 24.68 -2.17
C PHE B 133 -5.81 25.48 -2.10
N VAL B 134 -4.94 25.14 -1.14
CA VAL B 134 -3.57 25.61 -1.17
C VAL B 134 -2.90 25.07 -2.44
N ALA B 135 -2.94 23.76 -2.63
CA ALA B 135 -2.44 23.13 -3.83
C ALA B 135 -2.96 23.80 -5.10
N ARG B 136 -4.27 24.05 -5.17
CA ARG B 136 -4.87 24.75 -6.32
C ARG B 136 -4.25 26.13 -6.55
N GLU B 137 -4.18 26.95 -5.50
CA GLU B 137 -3.55 28.27 -5.63
C GLU B 137 -2.06 28.22 -5.99
N ALA B 138 -1.36 27.18 -5.50
CA ALA B 138 0.04 26.95 -5.85
C ALA B 138 0.22 26.70 -7.35
N TYR B 139 -0.55 25.77 -7.91
CA TYR B 139 -0.52 25.52 -9.35
C TYR B 139 -0.83 26.78 -10.17
N ARG B 140 -1.73 27.63 -9.68
CA ARG B 140 -2.11 28.83 -10.43
C ARG B 140 -1.02 29.89 -10.41
N HIS B 141 -0.32 29.99 -9.28
CA HIS B 141 0.66 31.05 -9.06
C HIS B 141 2.11 30.65 -9.32
N LEU B 142 2.41 29.36 -9.26
CA LEU B 142 3.78 28.89 -9.31
C LEU B 142 4.45 28.99 -10.66
N THR B 143 5.77 29.02 -10.64
CA THR B 143 6.56 29.04 -11.85
C THR B 143 6.79 27.63 -12.39
N GLU B 144 6.90 27.55 -13.72
CA GLU B 144 7.33 26.36 -14.44
C GLU B 144 8.50 25.69 -13.71
N GLY B 145 8.33 24.41 -13.39
CA GLY B 145 9.35 23.63 -12.69
C GLY B 145 9.26 23.75 -11.18
N GLY B 146 8.11 24.20 -10.69
CA GLY B 146 7.89 24.43 -9.26
C GLY B 146 7.73 23.19 -8.41
N ARG B 147 7.42 23.39 -7.13
CA ARG B 147 7.35 22.30 -6.15
C ARG B 147 6.19 22.51 -5.19
N ILE B 148 5.47 21.43 -4.90
CA ILE B 148 4.33 21.44 -3.95
C ILE B 148 4.42 20.25 -3.01
N VAL B 149 4.52 20.52 -1.71
CA VAL B 149 4.54 19.47 -0.70
C VAL B 149 3.36 19.66 0.24
N LEU B 150 2.52 18.63 0.36
CA LEU B 150 1.43 18.66 1.34
C LEU B 150 1.80 17.80 2.53
N THR B 151 1.07 17.94 3.62
CA THR B 151 1.41 17.19 4.82
C THR B 151 0.35 16.15 5.09
N SER B 152 0.75 14.90 5.01
CA SER B 152 -0.11 13.81 5.44
C SER B 152 0.29 13.40 6.87
N SER B 153 0.19 12.12 7.20
CA SER B 153 0.49 11.61 8.53
C SER B 153 0.72 10.10 8.43
N ASN B 154 1.53 9.55 9.34
CA ASN B 154 1.74 8.11 9.40
C ASN B 154 0.48 7.32 9.78
N THR B 155 -0.51 8.03 10.32
CA THR B 155 -1.75 7.42 10.81
C THR B 155 -2.74 7.23 9.68
N SER B 156 -2.49 7.94 8.59
CA SER B 156 -3.31 7.85 7.40
C SER B 156 -3.39 6.41 6.88
N LYS B 157 -2.28 5.69 7.00
CA LYS B 157 -2.10 4.43 6.29
C LYS B 157 -1.18 3.44 7.01
N ASP B 158 -0.10 3.93 7.62
CA ASP B 158 0.93 3.05 8.20
C ASP B 158 0.75 2.73 9.69
N PHE B 159 -0.02 3.54 10.41
CA PHE B 159 -0.17 3.40 11.85
C PHE B 159 -1.65 3.47 12.24
N SER B 160 -2.10 2.55 13.09
CA SER B 160 -3.53 2.43 13.41
C SER B 160 -3.79 2.65 14.88
N VAL B 161 -4.42 3.78 15.20
CA VAL B 161 -4.65 4.19 16.57
C VAL B 161 -6.16 4.28 16.84
N PRO B 162 -6.63 3.67 17.95
CA PRO B 162 -8.04 3.80 18.36
C PRO B 162 -8.45 5.26 18.58
N LYS B 163 -9.73 5.54 18.34
CA LYS B 163 -10.34 6.88 18.49
C LYS B 163 -9.72 7.98 17.61
N HIS B 164 -9.17 7.59 16.46
CA HIS B 164 -8.38 8.49 15.63
C HIS B 164 -8.86 8.48 14.17
N SER B 165 -10.12 8.12 13.96
CA SER B 165 -10.64 7.96 12.60
C SER B 165 -10.72 9.26 11.82
N LEU B 166 -11.23 10.31 12.46
CA LEU B 166 -11.42 11.58 11.79
C LEU B 166 -10.12 12.11 11.23
N TYR B 167 -9.11 12.21 12.08
CA TYR B 167 -7.81 12.74 11.65
C TYR B 167 -7.18 11.86 10.58
N SER B 168 -7.16 10.54 10.82
CA SER B 168 -6.59 9.59 9.87
C SER B 168 -7.17 9.77 8.46
N GLY B 169 -8.49 9.82 8.36
CA GLY B 169 -9.18 10.02 7.10
C GLY B 169 -8.85 11.38 6.49
N SER B 170 -8.76 12.40 7.35
CA SER B 170 -8.45 13.75 6.87
C SER B 170 -7.13 13.77 6.06
N LYS B 171 -6.15 12.98 6.51
CA LYS B 171 -4.86 12.87 5.83
C LYS B 171 -4.81 11.78 4.75
N GLY B 172 -5.64 10.74 4.88
CA GLY B 172 -5.77 9.70 3.85
C GLY B 172 -6.24 10.30 2.53
N ALA B 173 -7.04 11.37 2.61
CA ALA B 173 -7.48 12.13 1.46
C ALA B 173 -6.31 12.83 0.78
N VAL B 174 -5.43 13.43 1.59
CA VAL B 174 -4.21 14.05 1.11
C VAL B 174 -3.38 13.05 0.32
N ASP B 175 -3.31 11.81 0.78
CA ASP B 175 -2.51 10.77 0.12
C ASP B 175 -2.92 10.52 -1.33
N SER B 176 -4.22 10.46 -1.57
CA SER B 176 -4.73 10.30 -2.93
C SER B 176 -4.61 11.60 -3.72
N PHE B 177 -4.87 12.74 -3.07
CA PHE B 177 -4.72 14.07 -3.68
C PHE B 177 -3.40 14.18 -4.43
N VAL B 178 -2.30 14.00 -3.71
CA VAL B 178 -0.96 14.29 -4.25
C VAL B 178 -0.61 13.41 -5.43
N ARG B 179 -1.05 12.15 -5.40
CA ARG B 179 -0.79 11.22 -6.49
C ARG B 179 -1.43 11.74 -7.80
N ILE B 180 -2.64 12.27 -7.70
CA ILE B 180 -3.35 12.73 -8.89
C ILE B 180 -2.97 14.17 -9.25
N PHE B 181 -2.74 14.98 -8.23
CA PHE B 181 -2.22 16.33 -8.41
C PHE B 181 -1.02 16.30 -9.34
N SER B 182 -0.12 15.33 -9.12
CA SER B 182 1.08 15.24 -9.92
C SER B 182 0.80 15.03 -11.40
N LYS B 183 -0.36 14.45 -11.71
CA LYS B 183 -0.77 14.25 -13.10
C LYS B 183 -1.19 15.59 -13.73
N ASP B 184 -2.13 16.28 -13.07
CA ASP B 184 -2.53 17.63 -13.48
C ASP B 184 -1.38 18.63 -13.54
N CYS B 185 -0.54 18.65 -12.50
CA CYS B 185 0.51 19.66 -12.36
C CYS B 185 1.68 19.46 -13.32
N GLY B 186 1.74 18.28 -13.95
CA GLY B 186 2.78 17.96 -14.91
C GLY B 186 2.92 18.95 -16.05
N ASP B 187 1.81 19.53 -16.49
CA ASP B 187 1.89 20.45 -17.63
C ASP B 187 2.57 21.81 -17.32
N LYS B 188 2.76 22.11 -16.04
CA LYS B 188 3.65 23.22 -15.64
C LYS B 188 4.96 22.69 -15.06
N LYS B 189 5.20 21.40 -15.28
CA LYS B 189 6.40 20.70 -14.78
C LYS B 189 6.57 20.84 -13.26
N ILE B 190 5.46 20.90 -12.55
CA ILE B 190 5.45 20.99 -11.09
C ILE B 190 5.31 19.60 -10.47
N THR B 191 6.17 19.27 -9.51
CA THR B 191 6.05 18.00 -8.80
C THR B 191 5.23 18.23 -7.54
N VAL B 192 4.45 17.22 -7.17
CA VAL B 192 3.61 17.28 -5.99
C VAL B 192 3.85 16.04 -5.16
N ASN B 193 4.13 16.24 -3.87
CA ASN B 193 4.27 15.13 -2.93
C ASN B 193 3.66 15.44 -1.57
N ALA B 194 3.66 14.46 -0.69
CA ALA B 194 3.30 14.68 0.70
C ALA B 194 4.35 14.06 1.61
N VAL B 195 4.57 14.66 2.77
CA VAL B 195 5.34 14.01 3.82
C VAL B 195 4.33 13.54 4.88
N ALA B 196 4.50 12.31 5.37
CA ALA B 196 3.63 11.76 6.39
C ALA B 196 4.45 11.47 7.63
N PRO B 197 4.56 12.46 8.53
CA PRO B 197 5.39 12.25 9.71
C PRO B 197 4.73 11.33 10.73
N GLY B 198 5.55 10.66 11.53
CA GLY B 198 5.09 9.99 12.75
C GLY B 198 5.21 10.98 13.89
N GLY B 199 5.36 10.48 15.11
CA GLY B 199 5.48 11.33 16.28
C GLY B 199 6.66 12.28 16.20
N THR B 200 6.35 13.55 16.02
CA THR B 200 7.32 14.62 15.84
C THR B 200 7.10 15.67 16.94
N VAL B 201 8.17 16.00 17.68
CA VAL B 201 8.06 16.81 18.90
C VAL B 201 7.77 18.31 18.65
N THR B 202 6.49 18.66 18.81
CA THR B 202 5.98 20.02 18.65
C THR B 202 4.94 20.28 19.76
N ASP B 203 4.29 21.44 19.72
CA ASP B 203 3.16 21.71 20.62
C ASP B 203 2.09 20.62 20.46
N MET B 204 1.77 20.28 19.20
CA MET B 204 0.79 19.22 18.89
C MET B 204 1.11 17.89 19.59
N PHE B 205 2.40 17.53 19.61
CA PHE B 205 2.86 16.29 20.19
C PHE B 205 2.54 16.18 21.68
N HIS B 206 2.99 17.17 22.46
CA HIS B 206 2.74 17.18 23.91
C HIS B 206 1.25 17.29 24.21
N GLU B 207 0.51 18.01 23.37
CA GLU B 207 -0.93 18.16 23.52
C GLU B 207 -1.70 16.82 23.42
N VAL B 208 -1.21 15.87 22.61
CA VAL B 208 -1.94 14.58 22.44
C VAL B 208 -1.18 13.25 22.57
N SER B 209 0.08 13.29 22.96
CA SER B 209 0.87 12.06 23.09
C SER B 209 0.18 10.96 23.94
N HIS B 210 -0.68 11.38 24.86
CA HIS B 210 -1.37 10.44 25.74
C HIS B 210 -2.43 9.58 25.03
N HIS B 211 -3.01 10.12 23.96
CA HIS B 211 -4.00 9.39 23.14
C HIS B 211 -3.39 8.27 22.30
N TYR B 212 -2.06 8.28 22.15
CA TYR B 212 -1.32 7.30 21.35
C TYR B 212 -0.74 6.16 22.18
N ILE B 213 -0.78 6.30 23.50
CA ILE B 213 -0.20 5.29 24.39
C ILE B 213 -1.28 4.70 25.31
N PRO B 214 -1.31 3.35 25.43
CA PRO B 214 -2.16 2.66 26.41
C PRO B 214 -2.18 3.38 27.76
N ASN B 215 -3.34 3.97 28.10
CA ASN B 215 -3.50 4.88 29.26
C ASN B 215 -2.27 5.76 29.59
N GLY B 216 -1.88 6.56 28.60
CA GLY B 216 -0.77 7.51 28.72
C GLY B 216 -1.08 8.63 29.69
N THR B 217 -2.35 8.71 30.09
CA THR B 217 -2.82 9.55 31.18
C THR B 217 -1.95 9.42 32.44
N SER B 218 -1.52 8.19 32.76
CA SER B 218 -0.75 7.93 33.97
C SER B 218 0.77 7.87 33.76
N TYR B 219 1.25 8.59 32.73
CA TYR B 219 2.67 8.84 32.54
C TYR B 219 2.87 10.33 32.44
N THR B 220 4.06 10.81 32.76
CA THR B 220 4.36 12.25 32.62
C THR B 220 4.43 12.63 31.13
N ALA B 221 4.67 13.91 30.86
CA ALA B 221 4.80 14.40 29.48
C ALA B 221 6.16 14.01 28.92
N GLU B 222 7.16 14.02 29.80
CA GLU B 222 8.51 13.59 29.47
C GLU B 222 8.56 12.08 29.20
N GLN B 223 7.92 11.30 30.08
CA GLN B 223 7.85 9.83 29.94
C GLN B 223 7.23 9.37 28.62
N ARG B 224 6.19 10.07 28.18
CA ARG B 224 5.53 9.79 26.91
C ARG B 224 6.42 10.08 25.71
N GLN B 225 7.14 11.19 25.76
CA GLN B 225 8.13 11.51 24.74
C GLN B 225 9.23 10.45 24.66
N GLN B 226 9.67 9.97 25.83
CA GLN B 226 10.62 8.86 25.94
C GLN B 226 10.08 7.58 25.30
N MET B 227 8.77 7.34 25.43
CA MET B 227 8.16 6.13 24.87
C MET B 227 7.94 6.21 23.36
N ALA B 228 7.61 7.41 22.86
CA ALA B 228 7.54 7.66 21.41
C ALA B 228 8.90 7.45 20.73
N ALA B 229 9.98 7.82 21.42
CA ALA B 229 11.33 7.66 20.93
C ALA B 229 11.68 6.19 20.68
N HIS B 230 11.08 5.29 21.46
CA HIS B 230 11.26 3.85 21.27
C HIS B 230 10.44 3.23 20.13
N ALA B 231 9.58 4.02 19.47
CA ALA B 231 8.84 3.53 18.31
C ALA B 231 9.78 3.29 17.12
N SER B 232 10.72 4.21 16.92
CA SER B 232 11.77 4.06 15.91
C SER B 232 12.87 3.11 16.41
N PRO B 233 13.38 2.23 15.52
CA PRO B 233 14.50 1.34 15.83
C PRO B 233 15.79 2.12 16.04
N LEU B 234 15.76 3.41 15.69
CA LEU B 234 16.88 4.32 15.95
C LEU B 234 16.90 4.86 17.39
N HIS B 235 15.80 4.65 18.12
CA HIS B 235 15.66 5.03 19.54
C HIS B 235 15.83 6.55 19.81
N ARG B 236 15.14 7.35 19.00
CA ARG B 236 15.01 8.78 19.25
C ARG B 236 13.68 9.25 18.68
N ASN B 237 13.26 10.45 19.08
CA ASN B 237 12.05 11.04 18.57
C ASN B 237 12.27 11.59 17.19
N GLY B 238 11.15 11.87 16.52
CA GLY B 238 11.15 12.70 15.32
C GLY B 238 11.13 14.16 15.75
N TRP B 239 11.91 14.98 15.06
CA TRP B 239 11.97 16.41 15.31
C TRP B 239 11.56 17.17 14.05
N PRO B 240 11.07 18.41 14.20
CA PRO B 240 10.71 19.22 13.03
C PRO B 240 11.83 19.31 11.98
N GLN B 241 13.09 19.31 12.41
CA GLN B 241 14.22 19.35 11.48
C GLN B 241 14.27 18.13 10.54
N ASP B 242 13.83 16.97 11.02
CA ASP B 242 13.80 15.75 10.21
C ASP B 242 12.88 15.88 9.01
N VAL B 243 11.74 16.55 9.22
CA VAL B 243 10.77 16.81 8.15
C VAL B 243 11.32 17.87 7.21
N ALA B 244 11.88 18.93 7.80
CA ALA B 244 12.54 20.00 7.07
C ALA B 244 13.63 19.46 6.15
N ASN B 245 14.37 18.46 6.62
CA ASN B 245 15.44 17.83 5.85
C ASN B 245 14.90 17.14 4.60
N VAL B 246 13.78 16.44 4.76
CA VAL B 246 13.17 15.74 3.62
C VAL B 246 12.50 16.73 2.65
N VAL B 247 11.66 17.61 3.18
CA VAL B 247 11.02 18.65 2.36
C VAL B 247 12.09 19.38 1.56
N GLY B 248 13.22 19.68 2.22
CA GLY B 248 14.38 20.31 1.60
C GLY B 248 14.89 19.61 0.35
N PHE B 249 14.93 18.29 0.39
CA PHE B 249 15.33 17.48 -0.77
C PHE B 249 14.25 17.45 -1.87
N LEU B 250 13.01 17.17 -1.48
CA LEU B 250 11.89 17.14 -2.43
C LEU B 250 11.77 18.41 -3.27
N VAL B 251 12.01 19.59 -2.67
CA VAL B 251 11.82 20.86 -3.37
C VAL B 251 13.07 21.33 -4.12
N SER B 252 14.17 20.62 -3.94
CA SER B 252 15.39 20.91 -4.69
C SER B 252 15.27 20.39 -6.13
N LYS B 253 16.25 20.74 -6.95
CA LYS B 253 16.34 20.24 -8.30
C LYS B 253 16.46 18.71 -8.31
N GLU B 254 17.27 18.17 -7.40
CA GLU B 254 17.65 16.76 -7.41
C GLU B 254 16.50 15.82 -7.01
N GLY B 255 15.50 16.37 -6.32
CA GLY B 255 14.35 15.58 -5.87
C GLY B 255 13.22 15.44 -6.87
N GLU B 256 13.45 15.93 -8.11
CA GLU B 256 12.43 16.00 -9.16
C GLU B 256 11.81 14.64 -9.47
N TRP B 257 12.61 13.58 -9.47
CA TRP B 257 12.07 12.27 -9.85
C TRP B 257 11.22 11.60 -8.76
N VAL B 258 11.26 12.14 -7.54
CA VAL B 258 10.25 11.78 -6.54
C VAL B 258 9.02 12.65 -6.82
N ASN B 259 7.97 12.04 -7.37
CA ASN B 259 6.79 12.78 -7.77
C ASN B 259 5.52 11.94 -7.56
N GLY B 260 4.47 12.59 -7.07
CA GLY B 260 3.19 11.95 -6.77
C GLY B 260 3.28 10.92 -5.66
N LYS B 261 4.17 11.17 -4.69
CA LYS B 261 4.49 10.18 -3.66
C LYS B 261 4.25 10.68 -2.24
N VAL B 262 3.96 9.75 -1.34
CA VAL B 262 3.83 10.05 0.08
C VAL B 262 5.00 9.42 0.83
N LEU B 263 5.80 10.23 1.48
CA LEU B 263 6.97 9.73 2.19
C LEU B 263 6.68 9.74 3.68
N THR B 264 6.51 8.55 4.25
CA THR B 264 6.37 8.39 5.69
C THR B 264 7.71 8.65 6.36
N LEU B 265 7.72 9.51 7.37
CA LEU B 265 8.96 9.95 8.01
C LEU B 265 8.84 9.70 9.50
N ASP B 266 9.14 8.47 9.90
CA ASP B 266 8.90 8.00 11.25
C ASP B 266 10.11 7.28 11.84
N GLY B 267 11.27 7.45 11.21
CA GLY B 267 12.52 6.84 11.66
C GLY B 267 12.50 5.33 11.60
N GLY B 268 11.57 4.79 10.81
CA GLY B 268 11.45 3.35 10.59
C GLY B 268 10.55 2.64 11.57
N ALA B 269 9.62 3.37 12.18
CA ALA B 269 8.66 2.80 13.12
C ALA B 269 7.78 1.74 12.44
N ALA B 270 7.14 2.15 11.34
CA ALA B 270 6.22 1.32 10.55
C ALA B 270 6.70 -0.10 10.28
N ILE C 12 -29.06 -19.95 -1.37
CA ILE C 12 -27.81 -20.62 -0.87
C ILE C 12 -26.57 -20.28 -1.73
N PRO C 13 -25.60 -19.53 -1.16
CA PRO C 13 -24.52 -18.95 -1.97
C PRO C 13 -23.48 -19.96 -2.52
N GLY C 14 -22.21 -19.78 -2.15
CA GLY C 14 -21.10 -20.40 -2.87
C GLY C 14 -20.84 -21.87 -2.61
N ARG C 15 -21.71 -22.72 -3.17
CA ARG C 15 -21.47 -24.16 -3.17
C ARG C 15 -20.42 -24.48 -4.26
N LEU C 16 -19.80 -25.65 -4.14
CA LEU C 16 -18.75 -26.10 -5.05
C LEU C 16 -19.05 -27.50 -5.60
N ASP C 17 -20.33 -27.85 -5.68
CA ASP C 17 -20.74 -29.17 -6.14
C ASP C 17 -20.25 -29.44 -7.57
N GLY C 18 -19.72 -30.64 -7.79
CA GLY C 18 -19.16 -31.01 -9.09
C GLY C 18 -17.76 -30.46 -9.39
N LYS C 19 -17.23 -29.65 -8.48
CA LYS C 19 -15.88 -29.11 -8.61
C LYS C 19 -14.88 -30.03 -7.93
N VAL C 20 -13.61 -29.90 -8.33
CA VAL C 20 -12.53 -30.66 -7.72
C VAL C 20 -11.47 -29.67 -7.26
N ALA C 21 -10.95 -29.90 -6.06
CA ALA C 21 -10.01 -29.00 -5.42
C ALA C 21 -8.76 -29.73 -4.93
N LEU C 22 -7.64 -29.00 -4.93
CA LEU C 22 -6.36 -29.49 -4.42
C LEU C 22 -5.82 -28.49 -3.39
N VAL C 23 -5.44 -28.99 -2.21
CA VAL C 23 -4.82 -28.15 -1.20
C VAL C 23 -3.48 -28.76 -0.78
N THR C 24 -2.40 -27.98 -0.92
CA THR C 24 -1.07 -28.44 -0.49
C THR C 24 -0.96 -28.32 1.03
N GLY C 25 -0.20 -29.24 1.64
CA GLY C 25 -0.03 -29.28 3.08
C GLY C 25 -1.36 -29.30 3.83
N SER C 26 -2.33 -30.05 3.30
CA SER C 26 -3.66 -30.10 3.90
C SER C 26 -3.88 -31.26 4.88
N GLY C 27 -2.79 -31.83 5.38
CA GLY C 27 -2.85 -32.85 6.42
C GLY C 27 -3.10 -32.23 7.79
N ARG C 28 -2.67 -30.99 7.97
CA ARG C 28 -2.85 -30.31 9.27
C ARG C 28 -2.86 -28.78 9.17
N GLY C 29 -3.09 -28.12 10.31
CA GLY C 29 -3.10 -26.66 10.39
C GLY C 29 -4.16 -26.05 9.51
N ILE C 30 -3.83 -24.94 8.86
CA ILE C 30 -4.77 -24.20 8.01
C ILE C 30 -5.24 -25.03 6.79
N GLY C 31 -4.29 -25.58 6.05
CA GLY C 31 -4.62 -26.48 4.96
C GLY C 31 -5.71 -27.50 5.30
N ALA C 32 -5.63 -28.11 6.48
CA ALA C 32 -6.60 -29.14 6.86
C ALA C 32 -8.02 -28.59 6.92
N ALA C 33 -8.16 -27.43 7.56
CA ALA C 33 -9.47 -26.79 7.67
C ALA C 33 -9.97 -26.39 6.30
N VAL C 34 -9.09 -25.87 5.46
CA VAL C 34 -9.43 -25.54 4.07
C VAL C 34 -9.94 -26.78 3.33
N ALA C 35 -9.23 -27.88 3.44
CA ALA C 35 -9.58 -29.10 2.72
C ALA C 35 -10.96 -29.64 3.12
N VAL C 36 -11.20 -29.74 4.43
CA VAL C 36 -12.50 -30.16 4.93
C VAL C 36 -13.61 -29.22 4.43
N HIS C 37 -13.39 -27.91 4.57
CA HIS C 37 -14.38 -26.89 4.19
C HIS C 37 -14.76 -26.93 2.71
N LEU C 38 -13.77 -26.97 1.82
CA LEU C 38 -14.04 -27.16 0.39
C LEU C 38 -14.86 -28.43 0.15
N GLY C 39 -14.53 -29.50 0.87
CA GLY C 39 -15.30 -30.73 0.84
C GLY C 39 -16.73 -30.49 1.29
N ARG C 40 -16.89 -29.81 2.43
CA ARG C 40 -18.22 -29.49 2.96
C ARG C 40 -19.05 -28.74 1.91
N LEU C 41 -18.42 -27.80 1.22
CA LEU C 41 -19.05 -27.01 0.16
C LEU C 41 -19.41 -27.82 -1.11
N GLY C 42 -18.87 -29.03 -1.22
CA GLY C 42 -19.29 -29.93 -2.29
C GLY C 42 -18.19 -30.46 -3.18
N ALA C 43 -17.05 -29.80 -3.17
CA ALA C 43 -15.92 -30.20 -3.97
C ALA C 43 -15.36 -31.57 -3.53
N LYS C 44 -14.85 -32.33 -4.50
CA LYS C 44 -13.95 -33.46 -4.20
C LYS C 44 -12.56 -32.89 -3.92
N VAL C 45 -11.81 -33.50 -3.01
CA VAL C 45 -10.54 -32.88 -2.55
C VAL C 45 -9.29 -33.77 -2.63
N VAL C 46 -8.23 -33.24 -3.22
CA VAL C 46 -6.91 -33.87 -3.20
C VAL C 46 -6.17 -33.31 -2.00
N VAL C 47 -5.87 -34.18 -1.04
CA VAL C 47 -5.25 -33.80 0.23
C VAL C 47 -3.74 -34.08 0.18
N ASN C 48 -2.97 -33.05 -0.15
CA ASN C 48 -1.53 -33.21 -0.23
C ASN C 48 -0.82 -33.05 1.12
N TYR C 49 0.19 -33.90 1.36
CA TYR C 49 1.03 -33.86 2.56
C TYR C 49 2.46 -34.23 2.17
N ALA C 50 3.42 -33.95 3.05
CA ALA C 50 4.81 -34.32 2.82
C ALA C 50 5.31 -35.33 3.85
N ASN C 51 4.81 -35.22 5.08
CA ASN C 51 5.23 -36.11 6.15
C ASN C 51 4.04 -36.73 6.89
N SER C 52 2.99 -35.94 7.09
CA SER C 52 1.88 -36.31 7.95
C SER C 52 0.83 -37.23 7.27
N THR C 53 1.21 -38.50 7.11
CA THR C 53 0.34 -39.49 6.47
C THR C 53 -0.97 -39.71 7.22
N LYS C 54 -0.86 -40.02 8.51
CA LYS C 54 -2.03 -40.35 9.33
C LYS C 54 -3.06 -39.20 9.37
N ASP C 55 -2.58 -37.99 9.65
CA ASP C 55 -3.45 -36.82 9.65
C ASP C 55 -4.09 -36.51 8.28
N ALA C 56 -3.36 -36.72 7.19
CA ALA C 56 -3.89 -36.51 5.86
C ALA C 56 -5.04 -37.46 5.57
N GLU C 57 -4.84 -38.75 5.88
CA GLU C 57 -5.87 -39.76 5.71
C GLU C 57 -7.08 -39.52 6.64
N LYS C 58 -6.82 -38.93 7.81
CA LYS C 58 -7.89 -38.51 8.71
C LYS C 58 -8.78 -37.44 8.06
N VAL C 59 -8.16 -36.46 7.41
CA VAL C 59 -8.83 -35.41 6.68
C VAL C 59 -9.66 -35.98 5.52
N VAL C 60 -9.07 -36.92 4.77
CA VAL C 60 -9.79 -37.65 3.72
C VAL C 60 -11.07 -38.29 4.28
N SER C 61 -10.92 -39.01 5.40
CA SER C 61 -12.04 -39.66 6.09
C SER C 61 -13.16 -38.68 6.45
N GLU C 62 -12.76 -37.51 6.94
CA GLU C 62 -13.67 -36.48 7.35
C GLU C 62 -14.51 -36.03 6.16
N ILE C 63 -13.83 -35.76 5.04
CA ILE C 63 -14.46 -35.33 3.80
C ILE C 63 -15.43 -36.40 3.26
N LYS C 64 -15.01 -37.66 3.32
CA LYS C 64 -15.88 -38.74 2.86
C LYS C 64 -17.10 -38.87 3.78
N ALA C 65 -16.87 -38.72 5.08
CA ALA C 65 -17.95 -38.83 6.07
C ALA C 65 -19.05 -37.78 5.90
N LEU C 66 -18.70 -36.62 5.36
CA LEU C 66 -19.72 -35.61 5.10
C LEU C 66 -20.29 -35.66 3.67
N GLY C 67 -20.05 -36.76 2.97
CA GLY C 67 -20.71 -36.99 1.69
C GLY C 67 -19.94 -36.65 0.43
N SER C 68 -18.69 -36.20 0.56
CA SER C 68 -17.86 -35.96 -0.62
C SER C 68 -16.80 -37.05 -0.84
N ASP C 69 -15.80 -36.76 -1.67
CA ASP C 69 -14.72 -37.72 -1.97
C ASP C 69 -13.35 -37.05 -1.85
N ALA C 70 -12.35 -37.83 -1.45
CA ALA C 70 -11.01 -37.29 -1.21
C ALA C 70 -9.92 -38.34 -1.38
N ILE C 71 -8.72 -37.89 -1.69
CA ILE C 71 -7.54 -38.76 -1.76
C ILE C 71 -6.30 -38.05 -1.21
N ALA C 72 -5.54 -38.76 -0.39
CA ALA C 72 -4.29 -38.23 0.15
C ALA C 72 -3.13 -38.56 -0.78
N ILE C 73 -2.37 -37.55 -1.19
CA ILE C 73 -1.23 -37.77 -2.09
C ILE C 73 0.03 -37.09 -1.56
N LYS C 74 1.11 -37.87 -1.44
CA LYS C 74 2.36 -37.36 -0.90
C LYS C 74 3.18 -36.63 -1.96
N ALA C 75 3.68 -35.45 -1.64
CA ALA C 75 4.58 -34.70 -2.53
C ALA C 75 5.29 -33.59 -1.78
N ASP C 76 6.62 -33.60 -1.84
CA ASP C 76 7.47 -32.55 -1.27
C ASP C 76 7.39 -31.33 -2.19
N ILE C 77 6.65 -30.32 -1.77
CA ILE C 77 6.38 -29.15 -2.61
C ILE C 77 7.63 -28.32 -2.95
N ARG C 78 8.75 -28.66 -2.32
CA ARG C 78 10.05 -28.05 -2.66
C ARG C 78 10.57 -28.56 -4.01
N GLN C 79 10.25 -29.84 -4.33
CA GLN C 79 10.66 -30.45 -5.59
C GLN C 79 9.60 -30.22 -6.65
N VAL C 80 9.94 -29.43 -7.66
CA VAL C 80 9.04 -29.15 -8.79
C VAL C 80 8.55 -30.43 -9.50
N PRO C 81 9.45 -31.40 -9.79
CA PRO C 81 8.94 -32.61 -10.42
C PRO C 81 7.85 -33.31 -9.61
N GLU C 82 7.80 -33.05 -8.30
CA GLU C 82 6.75 -33.65 -7.47
C GLU C 82 5.47 -32.82 -7.44
N ILE C 83 5.62 -31.52 -7.71
CA ILE C 83 4.48 -30.66 -7.94
C ILE C 83 3.80 -31.13 -9.22
N VAL C 84 4.58 -31.31 -10.29
CA VAL C 84 4.07 -31.82 -11.56
C VAL C 84 3.34 -33.16 -11.32
N LYS C 85 4.02 -34.07 -10.64
CA LYS C 85 3.48 -35.38 -10.30
C LYS C 85 2.13 -35.26 -9.58
N LEU C 86 2.05 -34.34 -8.61
CA LEU C 86 0.86 -34.16 -7.80
C LEU C 86 -0.36 -33.75 -8.64
N PHE C 87 -0.17 -32.74 -9.48
CA PHE C 87 -1.21 -32.23 -10.35
C PHE C 87 -1.66 -33.24 -11.42
N ASP C 88 -0.71 -34.00 -11.96
CA ASP C 88 -1.04 -35.08 -12.90
C ASP C 88 -1.99 -36.11 -12.26
N GLN C 89 -1.65 -36.54 -11.04
CA GLN C 89 -2.44 -37.54 -10.33
C GLN C 89 -3.82 -37.02 -9.96
N ALA C 90 -3.88 -35.75 -9.58
CA ALA C 90 -5.16 -35.08 -9.33
C ALA C 90 -6.09 -35.22 -10.54
N VAL C 91 -5.61 -34.83 -11.71
CA VAL C 91 -6.40 -34.88 -12.95
C VAL C 91 -6.79 -36.31 -13.29
N ALA C 92 -5.83 -37.22 -13.21
CA ALA C 92 -6.07 -38.62 -13.55
C ALA C 92 -7.05 -39.28 -12.61
N HIS C 93 -7.02 -38.90 -11.33
CA HIS C 93 -7.90 -39.51 -10.34
C HIS C 93 -9.34 -39.00 -10.39
N PHE C 94 -9.52 -37.69 -10.44
CA PHE C 94 -10.86 -37.12 -10.41
C PHE C 94 -11.39 -36.70 -11.79
N GLY C 95 -10.56 -36.84 -12.82
CA GLY C 95 -10.95 -36.47 -14.18
C GLY C 95 -10.58 -35.05 -14.59
N HIS C 96 -10.46 -34.15 -13.62
CA HIS C 96 -10.17 -32.74 -13.84
C HIS C 96 -9.87 -32.00 -12.52
N LEU C 97 -9.26 -30.82 -12.60
CA LEU C 97 -9.05 -30.00 -11.42
C LEU C 97 -9.52 -28.58 -11.70
N ASP C 98 -10.25 -28.00 -10.75
CA ASP C 98 -10.86 -26.67 -10.90
C ASP C 98 -10.24 -25.64 -9.97
N ILE C 99 -9.84 -26.10 -8.79
CA ILE C 99 -9.46 -25.23 -7.69
C ILE C 99 -8.12 -25.67 -7.11
N ALA C 100 -7.18 -24.73 -7.05
CA ALA C 100 -5.86 -25.00 -6.52
C ALA C 100 -5.55 -24.04 -5.39
N VAL C 101 -5.32 -24.59 -4.21
CA VAL C 101 -4.97 -23.79 -3.03
C VAL C 101 -3.54 -24.15 -2.56
N SER C 102 -2.62 -23.21 -2.76
CA SER C 102 -1.24 -23.36 -2.31
C SER C 102 -1.13 -22.89 -0.85
N ASN C 103 -0.80 -23.82 0.04
CA ASN C 103 -0.87 -23.57 1.47
C ASN C 103 0.42 -23.90 2.24
N SER C 104 1.12 -24.95 1.85
CA SER C 104 2.36 -25.35 2.50
C SER C 104 3.30 -24.19 2.74
N GLY C 105 3.82 -24.11 3.96
CA GLY C 105 4.77 -23.08 4.35
C GLY C 105 5.50 -23.42 5.63
N VAL C 106 6.65 -22.77 5.82
CA VAL C 106 7.40 -22.88 7.08
C VAL C 106 7.74 -21.50 7.61
N VAL C 107 7.77 -21.38 8.94
CA VAL C 107 8.12 -20.11 9.57
C VAL C 107 9.62 -20.06 9.91
N SER C 108 10.17 -18.85 9.97
CA SER C 108 11.55 -18.65 10.44
C SER C 108 11.77 -17.36 11.21
N PHE C 109 12.65 -17.43 12.22
CA PHE C 109 13.08 -16.24 12.93
C PHE C 109 14.57 -16.24 13.11
N GLY C 110 15.14 -15.05 13.01
CA GLY C 110 16.56 -14.80 13.22
C GLY C 110 16.87 -13.39 12.79
N HIS C 111 17.72 -12.72 13.56
CA HIS C 111 18.28 -11.43 13.20
C HIS C 111 19.04 -11.57 11.89
N LEU C 112 18.97 -10.56 11.03
CA LEU C 112 19.68 -10.57 9.75
C LEU C 112 21.12 -11.08 9.82
N LYS C 113 21.87 -10.68 10.85
CA LYS C 113 23.30 -10.97 10.96
C LYS C 113 23.67 -12.45 11.03
N ASP C 114 22.68 -13.30 11.32
CA ASP C 114 22.86 -14.71 11.62
C ASP C 114 22.19 -15.65 10.61
N VAL C 115 21.37 -15.10 9.72
CA VAL C 115 20.67 -15.90 8.73
C VAL C 115 21.71 -16.54 7.80
N THR C 116 21.64 -17.87 7.70
CA THR C 116 22.57 -18.64 6.89
C THR C 116 21.97 -18.85 5.48
N GLU C 117 22.81 -19.23 4.51
CA GLU C 117 22.34 -19.60 3.17
C GLU C 117 21.35 -20.74 3.28
N GLU C 118 21.68 -21.70 4.13
CA GLU C 118 20.87 -22.88 4.35
C GLU C 118 19.46 -22.51 4.84
N GLU C 119 19.38 -21.62 5.83
CA GLU C 119 18.09 -21.20 6.36
C GLU C 119 17.33 -20.41 5.32
N PHE C 120 18.03 -19.56 4.56
CA PHE C 120 17.40 -18.84 3.47
C PHE C 120 16.74 -19.80 2.48
N ASP C 121 17.49 -20.82 2.09
CA ASP C 121 17.03 -21.78 1.10
C ASP C 121 15.89 -22.66 1.62
N ARG C 122 15.93 -23.01 2.91
CA ARG C 122 14.88 -23.82 3.53
C ARG C 122 13.54 -23.12 3.40
N VAL C 123 13.54 -21.81 3.61
CA VAL C 123 12.31 -20.99 3.63
C VAL C 123 11.84 -20.62 2.25
N PHE C 124 12.76 -20.11 1.42
CA PHE C 124 12.42 -19.70 0.06
C PHE C 124 12.07 -20.82 -0.91
N SER C 125 12.61 -22.03 -0.69
CA SER C 125 12.30 -23.16 -1.56
C SER C 125 10.84 -23.60 -1.43
N LEU C 126 10.28 -23.48 -0.23
CA LEU C 126 8.89 -23.85 0.01
C LEU C 126 7.88 -22.68 -0.10
N ASN C 127 8.14 -21.59 0.62
CA ASN C 127 7.20 -20.48 0.73
C ASN C 127 7.03 -19.66 -0.55
N THR C 128 8.13 -19.50 -1.28
CA THR C 128 8.17 -18.69 -2.50
C THR C 128 8.30 -19.55 -3.75
N ARG C 129 9.44 -20.20 -3.94
CA ARG C 129 9.69 -21.04 -5.12
C ARG C 129 8.59 -22.11 -5.29
N GLY C 130 8.36 -22.89 -4.24
CA GLY C 130 7.28 -23.88 -4.22
C GLY C 130 5.94 -23.30 -4.64
N GLN C 131 5.52 -22.19 -4.02
CA GLN C 131 4.23 -21.59 -4.36
C GLN C 131 4.14 -21.15 -5.81
N PHE C 132 5.23 -20.59 -6.33
CA PHE C 132 5.31 -20.20 -7.71
C PHE C 132 5.02 -21.36 -8.66
N PHE C 133 5.65 -22.51 -8.41
CA PHE C 133 5.52 -23.65 -9.33
C PHE C 133 4.27 -24.48 -9.07
N VAL C 134 3.70 -24.36 -7.87
CA VAL C 134 2.36 -24.84 -7.64
C VAL C 134 1.39 -24.04 -8.52
N ALA C 135 1.57 -22.72 -8.55
CA ALA C 135 0.76 -21.86 -9.42
C ALA C 135 0.90 -22.21 -10.90
N ARG C 136 2.14 -22.43 -11.34
CA ARG C 136 2.39 -22.76 -12.74
C ARG C 136 1.67 -24.06 -13.12
N GLU C 137 1.87 -25.09 -12.31
CA GLU C 137 1.27 -26.40 -12.56
C GLU C 137 -0.24 -26.35 -12.40
N ALA C 138 -0.71 -25.49 -11.52
CA ALA C 138 -2.14 -25.21 -11.40
C ALA C 138 -2.68 -24.64 -12.71
N TYR C 139 -2.07 -23.58 -13.23
CA TYR C 139 -2.48 -22.99 -14.50
C TYR C 139 -2.51 -24.02 -15.65
N ARG C 140 -1.43 -24.79 -15.81
CA ARG C 140 -1.37 -25.81 -16.88
C ARG C 140 -2.47 -26.86 -16.79
N HIS C 141 -2.89 -27.22 -15.57
CA HIS C 141 -3.78 -28.37 -15.33
C HIS C 141 -5.28 -28.08 -15.16
N LEU C 142 -5.63 -26.83 -14.83
CA LEU C 142 -7.00 -26.44 -14.50
C LEU C 142 -7.91 -26.21 -15.70
N THR C 143 -9.20 -26.47 -15.50
CA THR C 143 -10.23 -26.13 -16.48
C THR C 143 -10.45 -24.61 -16.60
N GLU C 144 -11.01 -24.18 -17.72
CA GLU C 144 -11.51 -22.81 -17.87
C GLU C 144 -12.30 -22.36 -16.64
N GLY C 145 -12.09 -21.11 -16.23
CA GLY C 145 -12.86 -20.50 -15.16
C GLY C 145 -12.46 -20.98 -13.78
N GLY C 146 -11.28 -21.59 -13.69
CA GLY C 146 -10.76 -22.12 -12.44
C GLY C 146 -10.36 -21.08 -11.41
N ARG C 147 -9.76 -21.55 -10.31
CA ARG C 147 -9.42 -20.70 -9.17
C ARG C 147 -8.07 -21.10 -8.58
N ILE C 148 -7.19 -20.11 -8.42
CA ILE C 148 -5.92 -20.33 -7.73
C ILE C 148 -5.84 -19.38 -6.55
N VAL C 149 -5.56 -19.94 -5.37
CA VAL C 149 -5.33 -19.16 -4.17
C VAL C 149 -3.98 -19.55 -3.57
N LEU C 150 -3.12 -18.55 -3.34
CA LEU C 150 -1.84 -18.74 -2.63
C LEU C 150 -1.92 -18.18 -1.23
N THR C 151 -0.90 -18.49 -0.42
CA THR C 151 -0.86 -18.07 0.97
C THR C 151 0.28 -17.10 1.27
N SER C 152 -0.09 -15.91 1.70
CA SER C 152 0.86 -14.92 2.10
C SER C 152 0.86 -14.86 3.62
N SER C 153 0.98 -13.66 4.17
CA SER C 153 1.10 -13.44 5.61
C SER C 153 0.94 -11.96 5.87
N ASN C 154 0.28 -11.58 6.96
CA ASN C 154 0.17 -10.17 7.32
C ASN C 154 1.52 -9.51 7.58
N THR C 155 2.54 -10.33 7.85
CA THR C 155 3.89 -9.84 8.07
C THR C 155 4.57 -9.44 6.75
N SER C 156 3.94 -9.82 5.63
CA SER C 156 4.40 -9.41 4.31
C SER C 156 4.43 -7.88 4.15
N LYS C 157 3.33 -7.21 4.45
CA LYS C 157 3.33 -5.77 4.29
C LYS C 157 2.73 -4.97 5.48
N ASP C 158 1.84 -5.62 6.24
CA ASP C 158 0.99 -4.92 7.23
C ASP C 158 1.49 -4.96 8.67
N PHE C 159 2.45 -5.83 8.95
CA PHE C 159 2.92 -6.05 10.32
C PHE C 159 4.43 -6.19 10.28
N SER C 160 5.10 -5.48 11.17
CA SER C 160 6.56 -5.44 11.19
C SER C 160 7.08 -6.06 12.47
N VAL C 161 7.74 -7.20 12.34
CA VAL C 161 8.27 -7.91 13.49
C VAL C 161 9.79 -8.00 13.41
N PRO C 162 10.49 -7.57 14.49
CA PRO C 162 11.94 -7.74 14.55
C PRO C 162 12.33 -9.20 14.35
N LYS C 163 13.45 -9.42 13.65
CA LYS C 163 14.04 -10.75 13.41
C LYS C 163 13.27 -11.63 12.42
N HIS C 164 12.40 -11.01 11.62
CA HIS C 164 11.44 -11.76 10.79
C HIS C 164 11.58 -11.47 9.29
N SER C 165 12.75 -11.02 8.89
CA SER C 165 12.92 -10.49 7.54
C SER C 165 12.83 -11.57 6.45
N LEU C 166 13.44 -12.72 6.71
CA LEU C 166 13.40 -13.83 5.77
C LEU C 166 11.97 -14.27 5.44
N TYR C 167 11.21 -14.63 6.47
CA TYR C 167 9.85 -15.11 6.28
C TYR C 167 9.00 -14.01 5.67
N SER C 168 9.15 -12.78 6.18
CA SER C 168 8.37 -11.63 5.70
C SER C 168 8.60 -11.46 4.23
N GLY C 169 9.87 -11.52 3.83
CA GLY C 169 10.28 -11.41 2.45
C GLY C 169 9.72 -12.52 1.58
N SER C 170 9.72 -13.75 2.13
CA SER C 170 9.21 -14.91 1.40
C SER C 170 7.75 -14.69 1.00
N LYS C 171 6.98 -14.05 1.87
CA LYS C 171 5.57 -13.80 1.58
C LYS C 171 5.35 -12.55 0.74
N GLY C 172 6.28 -11.60 0.80
CA GLY C 172 6.21 -10.37 -0.01
C GLY C 172 6.33 -10.66 -1.50
N ALA C 173 7.11 -11.69 -1.83
CA ALA C 173 7.23 -12.16 -3.21
C ALA C 173 5.91 -12.70 -3.73
N VAL C 174 5.19 -13.44 -2.88
CA VAL C 174 3.87 -13.99 -3.23
C VAL C 174 2.83 -12.90 -3.50
N ASP C 175 2.91 -11.78 -2.77
CA ASP C 175 1.98 -10.65 -2.95
C ASP C 175 2.09 -10.02 -4.33
N SER C 176 3.31 -9.95 -4.83
CA SER C 176 3.59 -9.46 -6.17
C SER C 176 3.26 -10.52 -7.21
N PHE C 177 3.55 -11.78 -6.91
CA PHE C 177 3.24 -12.90 -7.83
C PHE C 177 1.77 -12.86 -8.25
N VAL C 178 0.88 -12.90 -7.27
CA VAL C 178 -0.55 -13.11 -7.56
C VAL C 178 -1.14 -11.97 -8.40
N ARG C 179 -0.62 -10.75 -8.22
CA ARG C 179 -1.08 -9.59 -8.97
C ARG C 179 -0.75 -9.74 -10.46
N ILE C 180 0.42 -10.31 -10.73
CA ILE C 180 0.85 -10.55 -12.10
C ILE C 180 0.34 -11.90 -12.64
N PHE C 181 0.20 -12.88 -11.75
CA PHE C 181 -0.42 -14.16 -12.13
C PHE C 181 -1.80 -13.97 -12.72
N SER C 182 -2.59 -13.07 -12.14
CA SER C 182 -3.96 -12.85 -12.61
C SER C 182 -4.01 -12.32 -14.04
N LYS C 183 -2.93 -11.70 -14.48
CA LYS C 183 -2.85 -11.18 -15.85
C LYS C 183 -2.62 -12.32 -16.84
N ASP C 184 -1.71 -13.23 -16.50
CA ASP C 184 -1.39 -14.38 -17.35
C ASP C 184 -2.49 -15.46 -17.32
N CYS C 185 -3.05 -15.71 -16.13
CA CYS C 185 -4.06 -16.75 -15.97
C CYS C 185 -5.40 -16.34 -16.52
N GLY C 186 -5.54 -15.07 -16.88
CA GLY C 186 -6.76 -14.56 -17.49
C GLY C 186 -7.11 -15.23 -18.80
N ASP C 187 -6.10 -15.73 -19.51
CA ASP C 187 -6.36 -16.39 -20.80
C ASP C 187 -7.10 -17.75 -20.71
N LYS C 188 -7.16 -18.32 -19.50
CA LYS C 188 -8.00 -19.48 -19.17
C LYS C 188 -9.12 -19.10 -18.20
N LYS C 189 -9.36 -17.79 -18.06
CA LYS C 189 -10.38 -17.22 -17.15
C LYS C 189 -10.23 -17.70 -15.70
N ILE C 190 -8.98 -17.87 -15.28
CA ILE C 190 -8.66 -18.34 -13.94
C ILE C 190 -8.28 -17.17 -13.05
N THR C 191 -8.94 -17.03 -11.91
CA THR C 191 -8.59 -15.99 -10.95
C THR C 191 -7.46 -16.47 -10.05
N VAL C 192 -6.64 -15.52 -9.61
CA VAL C 192 -5.50 -15.82 -8.74
C VAL C 192 -5.50 -14.82 -7.61
N ASN C 193 -5.44 -15.33 -6.39
CA ASN C 193 -5.49 -14.52 -5.19
C ASN C 193 -4.57 -15.08 -4.11
N ALA C 194 -4.32 -14.27 -3.09
CA ALA C 194 -3.63 -14.74 -1.89
C ALA C 194 -4.46 -14.39 -0.68
N VAL C 195 -4.34 -15.24 0.34
CA VAL C 195 -4.83 -14.92 1.67
C VAL C 195 -3.59 -14.66 2.52
N ALA C 196 -3.65 -13.63 3.35
CA ALA C 196 -2.54 -13.28 4.22
C ALA C 196 -3.07 -13.24 5.64
N PRO C 197 -3.05 -14.41 6.32
CA PRO C 197 -3.57 -14.48 7.66
C PRO C 197 -2.69 -13.73 8.65
N GLY C 198 -3.30 -13.21 9.71
CA GLY C 198 -2.55 -12.78 10.89
C GLY C 198 -2.34 -13.99 11.78
N GLY C 199 -2.15 -13.78 13.08
CA GLY C 199 -1.97 -14.88 14.03
C GLY C 199 -3.14 -15.87 14.00
N THR C 200 -2.84 -17.11 13.59
CA THR C 200 -3.84 -18.16 13.41
C THR C 200 -3.40 -19.40 14.18
N VAL C 201 -4.23 -19.85 15.13
CA VAL C 201 -3.84 -20.89 16.10
C VAL C 201 -3.62 -22.28 15.49
N THR C 202 -2.36 -22.59 15.25
CA THR C 202 -1.93 -23.88 14.72
C THR C 202 -0.62 -24.17 15.41
N ASP C 203 0.00 -25.28 15.04
CA ASP C 203 1.32 -25.64 15.55
C ASP C 203 2.36 -24.58 15.18
N MET C 204 2.23 -24.00 13.99
CA MET C 204 3.13 -22.92 13.59
C MET C 204 3.03 -21.74 14.56
N PHE C 205 1.81 -21.31 14.86
CA PHE C 205 1.56 -20.18 15.74
C PHE C 205 2.22 -20.34 17.12
N HIS C 206 2.09 -21.53 17.71
CA HIS C 206 2.60 -21.77 19.06
C HIS C 206 4.12 -21.76 19.15
N GLU C 207 4.78 -22.19 18.08
CA GLU C 207 6.23 -22.19 18.01
C GLU C 207 6.82 -20.77 18.08
N VAL C 208 6.13 -19.79 17.48
CA VAL C 208 6.69 -18.44 17.32
C VAL C 208 5.95 -17.28 18.00
N SER C 209 4.86 -17.57 18.69
CA SER C 209 3.98 -16.55 19.26
C SER C 209 4.66 -15.53 20.19
N HIS C 210 5.78 -15.92 20.80
CA HIS C 210 6.51 -15.01 21.70
C HIS C 210 7.09 -13.79 20.98
N HIS C 211 7.37 -13.94 19.68
CA HIS C 211 7.95 -12.86 18.88
C HIS C 211 6.94 -11.75 18.61
N TYR C 212 5.66 -12.08 18.66
CA TYR C 212 4.58 -11.15 18.32
C TYR C 212 4.21 -10.27 19.50
N ILE C 213 4.87 -10.49 20.63
CA ILE C 213 4.56 -9.83 21.90
C ILE C 213 5.86 -9.23 22.47
N PRO C 214 5.81 -7.95 22.88
CA PRO C 214 6.95 -7.37 23.60
C PRO C 214 7.30 -8.20 24.84
N ASN C 215 8.56 -8.62 24.92
CA ASN C 215 9.05 -9.51 25.98
C ASN C 215 8.18 -10.76 26.14
N GLY C 216 7.73 -11.29 25.00
CA GLY C 216 6.80 -12.44 24.96
C GLY C 216 7.33 -13.69 25.61
N THR C 217 8.61 -13.70 25.90
CA THR C 217 9.25 -14.85 26.51
C THR C 217 8.91 -15.00 28.00
N SER C 218 8.30 -13.96 28.59
CA SER C 218 7.90 -13.98 30.00
C SER C 218 6.53 -14.63 30.27
N TYR C 219 5.74 -14.84 29.21
CA TYR C 219 4.39 -15.41 29.33
C TYR C 219 4.36 -16.89 29.01
N THR C 220 3.39 -17.61 29.57
CA THR C 220 3.20 -19.01 29.21
C THR C 220 2.68 -19.11 27.78
N ALA C 221 2.72 -20.32 27.23
CA ALA C 221 2.18 -20.59 25.89
C ALA C 221 0.73 -20.13 25.78
N GLU C 222 -0.07 -20.44 26.80
CA GLU C 222 -1.49 -20.04 26.85
C GLU C 222 -1.68 -18.52 26.90
N GLN C 223 -0.92 -17.85 27.78
CA GLN C 223 -0.98 -16.40 27.93
C GLN C 223 -0.54 -15.68 26.65
N ARG C 224 0.43 -16.27 25.96
CA ARG C 224 0.87 -15.78 24.66
C ARG C 224 -0.29 -15.78 23.67
N GLN C 225 -1.07 -16.87 23.65
CA GLN C 225 -2.25 -16.96 22.79
C GLN C 225 -3.28 -15.88 23.13
N GLN C 226 -3.48 -15.62 24.42
CA GLN C 226 -4.43 -14.62 24.92
C GLN C 226 -4.06 -13.21 24.49
N MET C 227 -2.77 -12.88 24.61
CA MET C 227 -2.23 -11.60 24.20
C MET C 227 -2.45 -11.34 22.72
N ALA C 228 -2.24 -12.39 21.92
CA ALA C 228 -2.39 -12.30 20.47
C ALA C 228 -3.85 -12.13 20.07
N ALA C 229 -4.76 -12.48 20.98
CA ALA C 229 -6.19 -12.35 20.77
C ALA C 229 -6.64 -10.91 20.96
N HIS C 230 -5.87 -10.15 21.74
CA HIS C 230 -6.19 -8.74 21.96
C HIS C 230 -5.65 -7.84 20.84
N ALA C 231 -4.87 -8.43 19.93
CA ALA C 231 -4.39 -7.71 18.74
C ALA C 231 -5.58 -7.31 17.87
N SER C 232 -6.52 -8.23 17.65
CA SER C 232 -7.75 -7.95 16.95
C SER C 232 -8.72 -7.22 17.86
N PRO C 233 -9.48 -6.26 17.30
CA PRO C 233 -10.48 -5.52 18.09
C PRO C 233 -11.72 -6.38 18.39
N LEU C 234 -11.80 -7.57 17.80
CA LEU C 234 -12.88 -8.50 18.09
C LEU C 234 -12.52 -9.38 19.29
N HIS C 235 -11.28 -9.23 19.77
CA HIS C 235 -10.79 -9.86 20.99
C HIS C 235 -10.84 -11.39 20.98
N ARG C 236 -10.43 -11.97 19.85
CA ARG C 236 -10.31 -13.41 19.72
C ARG C 236 -9.17 -13.76 18.77
N ASN C 237 -8.75 -15.02 18.79
CA ASN C 237 -7.71 -15.48 17.87
C ASN C 237 -8.29 -15.71 16.49
N GLY C 238 -7.43 -15.61 15.47
CA GLY C 238 -7.70 -16.18 14.17
C GLY C 238 -7.63 -17.69 14.32
N TRP C 239 -8.50 -18.39 13.60
CA TRP C 239 -8.51 -19.86 13.59
C TRP C 239 -8.44 -20.38 12.15
N PRO C 240 -8.01 -21.65 11.98
CA PRO C 240 -7.96 -22.17 10.62
C PRO C 240 -9.28 -22.01 9.84
N GLN C 241 -10.42 -22.10 10.53
CA GLN C 241 -11.72 -21.98 9.88
C GLN C 241 -11.96 -20.58 9.30
N ASP C 242 -11.38 -19.57 9.94
CA ASP C 242 -11.43 -18.18 9.47
C ASP C 242 -10.82 -18.07 8.07
N VAL C 243 -9.64 -18.67 7.90
CA VAL C 243 -8.99 -18.70 6.58
C VAL C 243 -9.82 -19.51 5.59
N ALA C 244 -10.27 -20.70 6.01
CA ALA C 244 -11.11 -21.57 5.18
C ALA C 244 -12.38 -20.86 4.69
N ASN C 245 -12.98 -20.03 5.55
CA ASN C 245 -14.16 -19.25 5.18
C ASN C 245 -13.93 -18.31 3.99
N VAL C 246 -12.80 -17.62 4.01
CA VAL C 246 -12.45 -16.66 2.97
C VAL C 246 -12.01 -17.37 1.67
N VAL C 247 -11.14 -18.37 1.80
CA VAL C 247 -10.74 -19.22 0.66
C VAL C 247 -11.98 -19.80 -0.06
N GLY C 248 -12.93 -20.32 0.72
CA GLY C 248 -14.18 -20.82 0.19
C GLY C 248 -14.91 -19.82 -0.70
N PHE C 249 -15.04 -18.58 -0.24
CA PHE C 249 -15.67 -17.53 -1.04
C PHE C 249 -14.86 -17.20 -2.30
N LEU C 250 -13.54 -17.10 -2.14
CA LEU C 250 -12.67 -16.75 -3.24
C LEU C 250 -12.73 -17.76 -4.39
N VAL C 251 -12.84 -19.04 -4.05
CA VAL C 251 -12.83 -20.11 -5.06
C VAL C 251 -14.22 -20.44 -5.56
N SER C 252 -15.23 -19.80 -4.98
CA SER C 252 -16.61 -19.95 -5.43
C SER C 252 -16.84 -19.11 -6.68
N LYS C 253 -17.94 -19.35 -7.38
CA LYS C 253 -18.23 -18.56 -8.58
C LYS C 253 -18.55 -17.08 -8.22
N GLU C 254 -19.04 -16.85 -7.00
CA GLU C 254 -19.41 -15.50 -6.55
C GLU C 254 -18.20 -14.65 -6.16
N GLY C 255 -17.03 -15.25 -6.10
CA GLY C 255 -15.83 -14.53 -5.71
C GLY C 255 -14.99 -14.11 -6.91
N GLU C 256 -15.55 -14.30 -8.10
CA GLU C 256 -14.82 -14.12 -9.36
C GLU C 256 -14.23 -12.73 -9.51
N TRP C 257 -14.98 -11.70 -9.10
CA TRP C 257 -14.54 -10.34 -9.31
C TRP C 257 -13.42 -9.89 -8.36
N VAL C 258 -13.15 -10.69 -7.33
CA VAL C 258 -11.92 -10.54 -6.57
C VAL C 258 -10.85 -11.34 -7.29
N ASN C 259 -9.89 -10.63 -7.87
CA ASN C 259 -8.86 -11.25 -8.70
C ASN C 259 -7.55 -10.44 -8.60
N GLY C 260 -6.41 -11.14 -8.58
CA GLY C 260 -5.10 -10.50 -8.38
C GLY C 260 -4.88 -9.77 -7.05
N LYS C 261 -5.64 -10.14 -6.02
CA LYS C 261 -5.59 -9.41 -4.75
C LYS C 261 -5.04 -10.25 -3.60
N VAL C 262 -4.46 -9.57 -2.62
CA VAL C 262 -4.06 -10.22 -1.38
C VAL C 262 -4.99 -9.72 -0.27
N LEU C 263 -5.74 -10.66 0.32
CA LEU C 263 -6.63 -10.35 1.44
C LEU C 263 -5.98 -10.70 2.76
N THR C 264 -5.69 -9.66 3.54
CA THR C 264 -5.11 -9.81 4.87
C THR C 264 -6.20 -10.23 5.84
N LEU C 265 -5.99 -11.36 6.51
CA LEU C 265 -7.03 -11.96 7.36
C LEU C 265 -6.60 -11.99 8.83
N ASP C 266 -6.87 -10.90 9.54
CA ASP C 266 -6.33 -10.71 10.88
C ASP C 266 -7.33 -10.14 11.85
N GLY C 267 -8.61 -10.21 11.50
CA GLY C 267 -9.70 -9.74 12.36
C GLY C 267 -9.68 -8.27 12.68
N GLY C 268 -8.95 -7.48 11.90
CA GLY C 268 -8.84 -6.04 12.12
C GLY C 268 -7.65 -5.59 12.97
N ALA C 269 -6.64 -6.45 13.09
CA ALA C 269 -5.45 -6.11 13.89
C ALA C 269 -4.64 -4.98 13.25
N ALA C 270 -4.48 -5.06 11.93
CA ALA C 270 -3.71 -4.07 11.15
C ALA C 270 -4.32 -2.67 11.23
N THR D 10 27.40 29.73 4.28
CA THR D 10 26.69 28.97 3.21
C THR D 10 26.56 27.48 3.57
N TYR D 11 25.32 27.05 3.85
CA TYR D 11 25.04 25.65 4.13
C TYR D 11 24.99 24.83 2.86
N ILE D 12 25.79 23.76 2.82
CA ILE D 12 25.81 22.82 1.70
C ILE D 12 25.25 21.46 2.16
N PRO D 13 24.11 21.05 1.58
CA PRO D 13 23.40 19.85 2.04
C PRO D 13 23.84 18.53 1.38
N GLY D 14 23.60 17.44 2.11
CA GLY D 14 23.71 16.09 1.57
C GLY D 14 25.11 15.62 1.21
N ARG D 15 26.13 16.27 1.76
CA ARG D 15 27.52 15.90 1.49
C ARG D 15 27.88 14.57 2.14
N LEU D 16 28.90 13.91 1.62
CA LEU D 16 29.34 12.62 2.13
C LEU D 16 30.86 12.58 2.28
N ASP D 17 31.44 13.73 2.61
CA ASP D 17 32.88 13.82 2.80
C ASP D 17 33.29 12.95 3.99
N GLY D 18 34.34 12.15 3.77
CA GLY D 18 34.90 11.27 4.79
C GLY D 18 34.19 9.94 4.90
N LYS D 19 33.19 9.73 4.05
CA LYS D 19 32.45 8.46 4.01
C LYS D 19 33.02 7.51 2.97
N VAL D 20 32.80 6.22 3.19
CA VAL D 20 33.17 5.19 2.23
C VAL D 20 31.91 4.43 1.85
N ALA D 21 31.70 4.24 0.55
CA ALA D 21 30.52 3.53 0.05
C ALA D 21 30.90 2.35 -0.85
N LEU D 22 30.03 1.34 -0.88
CA LEU D 22 30.14 0.22 -1.82
C LEU D 22 28.87 0.13 -2.66
N VAL D 23 29.03 -0.10 -3.95
CA VAL D 23 27.90 -0.24 -4.86
C VAL D 23 28.05 -1.50 -5.71
N THR D 24 27.13 -2.45 -5.54
CA THR D 24 27.13 -3.67 -6.37
C THR D 24 26.73 -3.35 -7.82
N GLY D 25 27.40 -4.01 -8.77
CA GLY D 25 27.14 -3.80 -10.20
C GLY D 25 27.26 -2.35 -10.63
N SER D 26 28.32 -1.68 -10.20
CA SER D 26 28.49 -0.26 -10.47
C SER D 26 29.37 0.01 -11.69
N GLY D 27 29.62 -1.03 -12.46
CA GLY D 27 30.32 -0.90 -13.74
C GLY D 27 29.53 -0.17 -14.81
N ARG D 28 28.20 -0.29 -14.77
CA ARG D 28 27.33 0.31 -15.78
C ARG D 28 25.91 0.54 -15.25
N GLY D 29 25.09 1.20 -16.07
CA GLY D 29 23.68 1.42 -15.73
C GLY D 29 23.51 2.34 -14.53
N ILE D 30 22.45 2.12 -13.77
CA ILE D 30 22.14 2.91 -12.58
C ILE D 30 23.30 2.89 -11.59
N GLY D 31 23.85 1.70 -11.38
CA GLY D 31 24.97 1.46 -10.48
C GLY D 31 26.15 2.36 -10.72
N ALA D 32 26.52 2.55 -11.99
CA ALA D 32 27.63 3.44 -12.35
C ALA D 32 27.35 4.87 -11.92
N ALA D 33 26.13 5.35 -12.23
CA ALA D 33 25.69 6.70 -11.92
C ALA D 33 25.66 6.94 -10.43
N VAL D 34 25.26 5.91 -9.68
CA VAL D 34 25.23 5.98 -8.23
C VAL D 34 26.66 6.07 -7.68
N ALA D 35 27.54 5.23 -8.20
CA ALA D 35 28.94 5.21 -7.79
C ALA D 35 29.58 6.58 -8.01
N VAL D 36 29.39 7.15 -9.19
CA VAL D 36 29.99 8.44 -9.52
C VAL D 36 29.42 9.58 -8.65
N HIS D 37 28.10 9.57 -8.45
CA HIS D 37 27.40 10.61 -7.72
C HIS D 37 27.75 10.60 -6.23
N LEU D 38 28.02 9.42 -5.68
CA LEU D 38 28.53 9.33 -4.30
C LEU D 38 29.97 9.89 -4.23
N GLY D 39 30.71 9.74 -5.32
CA GLY D 39 32.06 10.28 -5.41
C GLY D 39 32.01 11.79 -5.43
N ARG D 40 31.13 12.32 -6.28
CA ARG D 40 30.90 13.76 -6.37
C ARG D 40 30.42 14.35 -5.05
N LEU D 41 29.66 13.57 -4.28
CA LEU D 41 29.15 14.03 -2.98
C LEU D 41 30.20 13.98 -1.88
N GLY D 42 31.37 13.42 -2.20
CA GLY D 42 32.50 13.44 -1.29
C GLY D 42 33.05 12.09 -0.88
N ALA D 43 32.32 11.01 -1.18
CA ALA D 43 32.69 9.66 -0.75
C ALA D 43 33.77 8.98 -1.62
N LYS D 44 34.57 8.15 -0.94
CA LYS D 44 35.43 7.17 -1.58
C LYS D 44 34.54 5.98 -1.91
N VAL D 45 34.75 5.35 -3.06
CA VAL D 45 33.79 4.37 -3.59
C VAL D 45 34.42 3.04 -3.94
N VAL D 46 33.79 1.97 -3.48
CA VAL D 46 34.15 0.63 -3.92
C VAL D 46 33.21 0.26 -5.07
N VAL D 47 33.79 0.10 -6.26
CA VAL D 47 33.06 -0.23 -7.48
C VAL D 47 33.05 -1.74 -7.70
N ASN D 48 31.92 -2.38 -7.43
CA ASN D 48 31.80 -3.80 -7.65
C ASN D 48 31.22 -4.11 -9.02
N TYR D 49 31.87 -5.03 -9.75
CA TYR D 49 31.39 -5.56 -11.03
C TYR D 49 31.48 -7.08 -11.01
N ALA D 50 30.81 -7.73 -11.96
CA ALA D 50 30.92 -9.19 -12.10
C ALA D 50 31.69 -9.61 -13.36
N ASN D 51 31.46 -8.91 -14.47
CA ASN D 51 32.14 -9.22 -15.75
C ASN D 51 32.86 -8.02 -16.38
N SER D 52 32.13 -6.91 -16.55
CA SER D 52 32.62 -5.69 -17.21
C SER D 52 33.81 -5.05 -16.51
N THR D 53 35.01 -5.58 -16.74
CA THR D 53 36.22 -5.00 -16.18
C THR D 53 36.49 -3.62 -16.78
N LYS D 54 36.49 -3.54 -18.11
CA LYS D 54 36.73 -2.27 -18.80
C LYS D 54 35.83 -1.15 -18.27
N ASP D 55 34.53 -1.43 -18.20
CA ASP D 55 33.56 -0.45 -17.72
C ASP D 55 33.77 -0.05 -16.27
N ALA D 56 33.97 -1.04 -15.39
CA ALA D 56 34.22 -0.77 -13.98
C ALA D 56 35.46 0.08 -13.75
N GLU D 57 36.49 -0.11 -14.58
CA GLU D 57 37.69 0.72 -14.56
C GLU D 57 37.40 2.19 -14.93
N LYS D 58 36.49 2.39 -15.88
CA LYS D 58 36.12 3.73 -16.35
C LYS D 58 35.35 4.50 -15.28
N VAL D 59 34.61 3.78 -14.46
CA VAL D 59 33.88 4.38 -13.35
C VAL D 59 34.85 4.76 -12.24
N VAL D 60 35.83 3.89 -11.99
CA VAL D 60 36.89 4.19 -11.03
C VAL D 60 37.62 5.47 -11.45
N SER D 61 38.01 5.54 -12.72
CA SER D 61 38.71 6.69 -13.29
C SER D 61 37.93 8.00 -13.16
N GLU D 62 36.63 7.95 -13.43
CA GLU D 62 35.76 9.12 -13.38
C GLU D 62 35.63 9.66 -11.95
N ILE D 63 35.55 8.75 -10.98
CA ILE D 63 35.53 9.12 -9.57
C ILE D 63 36.85 9.79 -9.16
N LYS D 64 37.98 9.17 -9.49
CA LYS D 64 39.30 9.81 -9.26
C LYS D 64 39.41 11.19 -9.94
N ALA D 65 38.91 11.29 -11.16
CA ALA D 65 38.97 12.52 -11.94
C ALA D 65 38.27 13.69 -11.27
N LEU D 66 37.17 13.42 -10.59
CA LEU D 66 36.40 14.48 -9.94
C LEU D 66 36.87 14.77 -8.50
N GLY D 67 37.91 14.09 -8.06
CA GLY D 67 38.56 14.45 -6.80
C GLY D 67 38.32 13.56 -5.60
N SER D 68 37.82 12.34 -5.85
CA SER D 68 37.65 11.35 -4.79
C SER D 68 38.56 10.14 -5.07
N ASP D 69 38.38 9.07 -4.31
CA ASP D 69 39.16 7.84 -4.51
C ASP D 69 38.21 6.67 -4.73
N ALA D 70 38.67 5.65 -5.47
CA ALA D 70 37.85 4.49 -5.79
C ALA D 70 38.68 3.29 -6.19
N ILE D 71 38.13 2.10 -5.95
CA ILE D 71 38.73 0.83 -6.38
C ILE D 71 37.64 -0.09 -6.98
N ALA D 72 38.03 -0.91 -7.96
CA ALA D 72 37.12 -1.90 -8.53
C ALA D 72 37.38 -3.28 -7.92
N ILE D 73 36.34 -3.92 -7.41
CA ILE D 73 36.46 -5.29 -6.89
C ILE D 73 35.45 -6.23 -7.54
N LYS D 74 35.96 -7.22 -8.25
CA LYS D 74 35.12 -8.21 -8.92
C LYS D 74 34.59 -9.21 -7.91
N ALA D 75 33.27 -9.35 -7.88
CA ALA D 75 32.60 -10.36 -7.06
C ALA D 75 31.26 -10.67 -7.67
N ASP D 76 30.95 -11.97 -7.73
CA ASP D 76 29.68 -12.46 -8.24
C ASP D 76 28.67 -12.52 -7.10
N ILE D 77 27.73 -11.57 -7.11
CA ILE D 77 26.77 -11.43 -6.01
C ILE D 77 25.85 -12.66 -5.80
N ARG D 78 25.79 -13.57 -6.77
CA ARG D 78 25.06 -14.85 -6.59
C ARG D 78 25.74 -15.81 -5.60
N GLN D 79 27.02 -15.55 -5.33
CA GLN D 79 27.82 -16.38 -4.42
C GLN D 79 28.06 -15.65 -3.11
N VAL D 80 27.42 -16.11 -2.04
CA VAL D 80 27.58 -15.49 -0.73
C VAL D 80 29.03 -15.53 -0.22
N PRO D 81 29.77 -16.66 -0.43
CA PRO D 81 31.18 -16.61 -0.01
C PRO D 81 31.99 -15.53 -0.74
N GLU D 82 31.50 -15.07 -1.90
CA GLU D 82 32.13 -13.98 -2.65
C GLU D 82 31.63 -12.58 -2.24
N ILE D 83 30.39 -12.50 -1.76
CA ILE D 83 29.89 -11.29 -1.10
C ILE D 83 30.74 -11.01 0.15
N VAL D 84 31.01 -12.05 0.93
CA VAL D 84 31.84 -11.96 2.14
C VAL D 84 33.20 -11.34 1.82
N LYS D 85 33.86 -11.91 0.82
CA LYS D 85 35.21 -11.48 0.40
C LYS D 85 35.21 -10.04 -0.11
N LEU D 86 34.18 -9.68 -0.88
CA LEU D 86 34.01 -8.32 -1.39
C LEU D 86 34.01 -7.29 -0.25
N PHE D 87 33.19 -7.54 0.77
CA PHE D 87 33.15 -6.66 1.94
C PHE D 87 34.45 -6.66 2.74
N ASP D 88 35.01 -7.85 3.01
CA ASP D 88 36.30 -7.96 3.71
C ASP D 88 37.38 -7.13 3.01
N GLN D 89 37.42 -7.18 1.68
CA GLN D 89 38.44 -6.47 0.87
C GLN D 89 38.22 -4.96 0.85
N ALA D 90 36.96 -4.54 0.82
CA ALA D 90 36.58 -3.13 0.90
C ALA D 90 36.99 -2.50 2.23
N VAL D 91 36.74 -3.19 3.33
CA VAL D 91 37.13 -2.73 4.66
C VAL D 91 38.65 -2.67 4.77
N ALA D 92 39.33 -3.71 4.31
CA ALA D 92 40.80 -3.76 4.34
C ALA D 92 41.44 -2.64 3.52
N HIS D 93 40.83 -2.26 2.40
CA HIS D 93 41.41 -1.22 1.55
C HIS D 93 41.16 0.21 2.05
N PHE D 94 39.95 0.49 2.54
CA PHE D 94 39.63 1.86 2.96
C PHE D 94 39.60 2.09 4.46
N GLY D 95 39.59 1.01 5.25
CA GLY D 95 39.57 1.13 6.71
C GLY D 95 38.21 0.80 7.31
N HIS D 96 37.16 1.31 6.69
CA HIS D 96 35.80 1.12 7.19
C HIS D 96 34.83 1.24 6.03
N LEU D 97 33.60 0.80 6.25
CA LEU D 97 32.55 1.02 5.27
C LEU D 97 31.36 1.66 5.94
N ASP D 98 30.86 2.75 5.34
CA ASP D 98 29.72 3.52 5.89
C ASP D 98 28.44 3.27 5.12
N ILE D 99 28.57 3.01 3.82
CA ILE D 99 27.43 3.00 2.93
C ILE D 99 27.48 1.80 2.01
N ALA D 100 26.36 1.11 1.89
CA ALA D 100 26.25 -0.01 0.97
C ALA D 100 24.98 0.11 0.13
N VAL D 101 25.17 0.22 -1.17
CA VAL D 101 24.08 0.29 -2.12
C VAL D 101 24.06 -1.03 -2.91
N SER D 102 23.04 -1.85 -2.65
CA SER D 102 22.83 -3.10 -3.37
C SER D 102 22.02 -2.81 -4.62
N ASN D 103 22.66 -2.92 -5.77
CA ASN D 103 22.08 -2.50 -7.04
C ASN D 103 22.02 -3.60 -8.11
N SER D 104 22.97 -4.54 -8.08
CA SER D 104 23.05 -5.60 -9.08
C SER D 104 21.74 -6.36 -9.26
N GLY D 105 21.32 -6.51 -10.51
CA GLY D 105 20.04 -7.11 -10.84
C GLY D 105 19.90 -7.54 -12.30
N VAL D 106 18.98 -8.48 -12.53
CA VAL D 106 18.61 -8.90 -13.88
C VAL D 106 17.10 -8.82 -14.11
N VAL D 107 16.73 -8.62 -15.37
CA VAL D 107 15.33 -8.56 -15.75
C VAL D 107 14.90 -9.90 -16.38
N SER D 108 13.59 -10.17 -16.38
CA SER D 108 13.05 -11.41 -16.97
C SER D 108 11.59 -11.26 -17.40
N PHE D 109 11.24 -11.96 -18.48
CA PHE D 109 9.87 -11.98 -19.00
C PHE D 109 9.47 -13.35 -19.49
N GLY D 110 8.24 -13.72 -19.16
CA GLY D 110 7.67 -14.97 -19.62
C GLY D 110 6.34 -15.21 -18.93
N HIS D 111 5.39 -15.76 -19.68
CA HIS D 111 4.15 -16.22 -19.13
C HIS D 111 4.47 -17.27 -18.06
N LEU D 112 3.78 -17.18 -16.92
CA LEU D 112 3.85 -18.17 -15.84
C LEU D 112 4.02 -19.62 -16.31
N LYS D 113 3.24 -20.03 -17.31
CA LYS D 113 3.21 -21.43 -17.78
C LYS D 113 4.54 -21.89 -18.39
N ASP D 114 5.35 -20.92 -18.79
CA ASP D 114 6.60 -21.16 -19.51
C ASP D 114 7.86 -21.00 -18.63
N VAL D 115 7.69 -20.50 -17.40
CA VAL D 115 8.83 -20.23 -16.52
C VAL D 115 9.45 -21.53 -15.98
N THR D 116 10.75 -21.64 -16.14
CA THR D 116 11.49 -22.84 -15.77
C THR D 116 12.07 -22.70 -14.38
N GLU D 117 12.42 -23.83 -13.77
CA GLU D 117 13.22 -23.83 -12.55
C GLU D 117 14.49 -23.02 -12.71
N GLU D 118 15.16 -23.17 -13.86
CA GLU D 118 16.41 -22.45 -14.14
C GLU D 118 16.21 -20.95 -14.18
N GLU D 119 15.16 -20.52 -14.88
CA GLU D 119 14.87 -19.09 -14.98
C GLU D 119 14.54 -18.49 -13.62
N PHE D 120 13.76 -19.21 -12.81
CA PHE D 120 13.43 -18.76 -11.46
C PHE D 120 14.71 -18.57 -10.64
N ASP D 121 15.58 -19.57 -10.69
CA ASP D 121 16.85 -19.55 -9.97
C ASP D 121 17.78 -18.43 -10.44
N ARG D 122 17.83 -18.22 -11.75
CA ARG D 122 18.70 -17.19 -12.32
C ARG D 122 18.35 -15.82 -11.73
N VAL D 123 17.05 -15.54 -11.63
CA VAL D 123 16.57 -14.22 -11.23
C VAL D 123 16.56 -14.08 -9.72
N PHE D 124 16.01 -15.07 -9.02
CA PHE D 124 15.94 -15.01 -7.56
C PHE D 124 17.28 -15.07 -6.83
N SER D 125 18.26 -15.78 -7.40
CA SER D 125 19.60 -15.86 -6.81
C SER D 125 20.37 -14.52 -6.80
N LEU D 126 20.04 -13.62 -7.71
CA LEU D 126 20.70 -12.30 -7.73
C LEU D 126 19.86 -11.20 -7.10
N ASN D 127 18.65 -11.02 -7.64
CA ASN D 127 17.76 -9.93 -7.28
C ASN D 127 17.25 -10.01 -5.84
N THR D 128 17.20 -11.21 -5.28
CA THR D 128 16.55 -11.41 -3.99
C THR D 128 17.53 -11.99 -2.98
N ARG D 129 17.87 -13.26 -3.14
CA ARG D 129 18.87 -13.93 -2.33
C ARG D 129 20.19 -13.16 -2.29
N GLY D 130 20.63 -12.67 -3.45
CA GLY D 130 21.90 -11.94 -3.55
C GLY D 130 21.83 -10.64 -2.78
N GLN D 131 20.77 -9.87 -3.03
CA GLN D 131 20.52 -8.63 -2.30
C GLN D 131 20.38 -8.85 -0.79
N PHE D 132 19.73 -9.94 -0.40
CA PHE D 132 19.57 -10.28 1.03
C PHE D 132 20.91 -10.43 1.75
N PHE D 133 21.86 -11.14 1.14
CA PHE D 133 23.13 -11.40 1.81
C PHE D 133 24.17 -10.28 1.65
N VAL D 134 23.97 -9.44 0.62
CA VAL D 134 24.64 -8.14 0.58
C VAL D 134 24.24 -7.33 1.81
N ALA D 135 22.96 -7.38 2.20
CA ALA D 135 22.52 -6.68 3.40
C ALA D 135 23.10 -7.32 4.67
N ARG D 136 23.07 -8.64 4.76
CA ARG D 136 23.73 -9.33 5.89
C ARG D 136 25.16 -8.85 6.05
N GLU D 137 25.95 -8.96 4.98
CA GLU D 137 27.36 -8.57 5.04
C GLU D 137 27.57 -7.07 5.31
N ALA D 138 26.65 -6.23 4.83
CA ALA D 138 26.70 -4.79 5.09
C ALA D 138 26.51 -4.49 6.56
N TYR D 139 25.54 -5.18 7.19
CA TYR D 139 25.29 -4.98 8.60
C TYR D 139 26.53 -5.35 9.39
N ARG D 140 27.10 -6.50 9.05
CA ARG D 140 28.28 -7.03 9.74
C ARG D 140 29.50 -6.08 9.67
N HIS D 141 29.67 -5.43 8.52
CA HIS D 141 30.88 -4.67 8.18
C HIS D 141 30.76 -3.16 8.38
N LEU D 142 29.53 -2.65 8.41
CA LEU D 142 29.30 -1.20 8.50
C LEU D 142 29.59 -0.58 9.88
N THR D 143 29.97 0.69 9.84
CA THR D 143 30.10 1.55 11.00
C THR D 143 28.73 1.94 11.56
N GLU D 144 28.66 2.18 12.86
CA GLU D 144 27.45 2.72 13.50
C GLU D 144 26.96 3.94 12.71
N GLY D 145 25.66 4.06 12.54
CA GLY D 145 25.09 5.21 11.82
C GLY D 145 25.23 5.13 10.31
N GLY D 146 25.54 3.93 9.82
CA GLY D 146 25.67 3.66 8.39
C GLY D 146 24.35 3.60 7.64
N ARG D 147 24.46 3.26 6.34
CA ARG D 147 23.34 3.32 5.41
C ARG D 147 23.33 2.13 4.46
N ILE D 148 22.14 1.55 4.25
CA ILE D 148 21.96 0.45 3.32
C ILE D 148 20.77 0.74 2.41
N VAL D 149 20.99 0.62 1.10
CA VAL D 149 19.95 0.80 0.10
C VAL D 149 19.90 -0.43 -0.81
N LEU D 150 18.72 -1.03 -0.92
CA LEU D 150 18.51 -2.12 -1.86
C LEU D 150 17.78 -1.56 -3.07
N THR D 151 17.73 -2.34 -4.14
CA THR D 151 16.96 -1.95 -5.32
C THR D 151 15.77 -2.88 -5.56
N SER D 152 14.59 -2.28 -5.54
CA SER D 152 13.36 -2.94 -5.93
C SER D 152 13.03 -2.45 -7.35
N SER D 153 11.75 -2.15 -7.62
CA SER D 153 11.26 -1.81 -8.95
C SER D 153 9.81 -1.35 -8.85
N ASN D 154 9.41 -0.45 -9.74
CA ASN D 154 8.03 0.05 -9.73
C ASN D 154 7.01 -1.05 -10.04
N THR D 155 7.48 -2.14 -10.65
CA THR D 155 6.63 -3.27 -11.03
C THR D 155 6.38 -4.24 -9.88
N SER D 156 7.10 -4.06 -8.79
CA SER D 156 6.88 -4.85 -7.58
C SER D 156 5.49 -4.60 -6.93
N LYS D 157 5.07 -3.33 -6.84
CA LYS D 157 3.76 -2.98 -6.27
C LYS D 157 2.91 -2.01 -7.11
N ASP D 158 3.55 -1.08 -7.83
CA ASP D 158 2.86 0.06 -8.42
C ASP D 158 2.47 -0.09 -9.90
N PHE D 159 3.17 -0.96 -10.61
CA PHE D 159 2.97 -1.12 -12.05
C PHE D 159 2.76 -2.61 -12.31
N SER D 160 1.74 -2.95 -13.09
CA SER D 160 1.41 -4.35 -13.36
C SER D 160 1.59 -4.69 -14.84
N VAL D 161 2.57 -5.56 -15.13
CA VAL D 161 2.88 -5.89 -16.51
C VAL D 161 2.64 -7.38 -16.74
N PRO D 162 1.90 -7.74 -17.81
CA PRO D 162 1.74 -9.15 -18.12
C PRO D 162 3.12 -9.81 -18.33
N LYS D 163 3.20 -11.11 -18.02
CA LYS D 163 4.39 -11.93 -18.25
C LYS D 163 5.64 -11.50 -17.45
N HIS D 164 5.39 -10.84 -16.32
CA HIS D 164 6.45 -10.20 -15.58
C HIS D 164 6.38 -10.60 -14.11
N SER D 165 5.80 -11.76 -13.83
CA SER D 165 5.54 -12.18 -12.47
C SER D 165 6.82 -12.52 -11.73
N LEU D 166 7.71 -13.29 -12.39
CA LEU D 166 8.97 -13.68 -11.76
C LEU D 166 9.78 -12.49 -11.26
N TYR D 167 10.02 -11.52 -12.13
CA TYR D 167 10.78 -10.32 -11.75
C TYR D 167 10.06 -9.50 -10.69
N SER D 168 8.76 -9.32 -10.88
CA SER D 168 7.94 -8.52 -9.95
C SER D 168 8.05 -9.11 -8.56
N GLY D 169 7.88 -10.42 -8.47
CA GLY D 169 8.07 -11.15 -7.22
C GLY D 169 9.45 -10.97 -6.59
N SER D 170 10.50 -11.02 -7.41
CA SER D 170 11.86 -10.91 -6.92
C SER D 170 12.08 -9.58 -6.21
N LYS D 171 11.44 -8.53 -6.72
CA LYS D 171 11.54 -7.20 -6.11
C LYS D 171 10.52 -6.96 -5.01
N GLY D 172 9.42 -7.70 -5.04
CA GLY D 172 8.41 -7.69 -3.97
C GLY D 172 8.99 -8.15 -2.65
N ALA D 173 9.81 -9.19 -2.69
CA ALA D 173 10.48 -9.72 -1.49
C ALA D 173 11.42 -8.67 -0.86
N VAL D 174 12.03 -7.84 -1.71
CA VAL D 174 12.95 -6.78 -1.27
C VAL D 174 12.21 -5.68 -0.49
N ASP D 175 11.02 -5.33 -0.96
CA ASP D 175 10.17 -4.36 -0.27
C ASP D 175 9.93 -4.77 1.18
N SER D 176 9.58 -6.04 1.40
CA SER D 176 9.38 -6.58 2.74
C SER D 176 10.69 -6.68 3.49
N PHE D 177 11.75 -7.15 2.84
CA PHE D 177 13.09 -7.23 3.45
C PHE D 177 13.46 -5.94 4.15
N VAL D 178 13.44 -4.82 3.41
CA VAL D 178 13.98 -3.55 3.90
C VAL D 178 13.22 -3.01 5.11
N ARG D 179 11.91 -3.24 5.14
CA ARG D 179 11.08 -2.81 6.25
C ARG D 179 11.49 -3.51 7.55
N ILE D 180 11.86 -4.78 7.46
CA ILE D 180 12.24 -5.54 8.64
C ILE D 180 13.73 -5.40 8.93
N PHE D 181 14.55 -5.32 7.87
CA PHE D 181 15.98 -5.03 8.02
C PHE D 181 16.19 -3.80 8.92
N SER D 182 15.33 -2.80 8.75
CA SER D 182 15.45 -1.57 9.54
C SER D 182 15.28 -1.81 11.03
N LYS D 183 14.44 -2.77 11.39
CA LYS D 183 14.25 -3.15 12.80
C LYS D 183 15.54 -3.76 13.37
N ASP D 184 16.17 -4.62 12.57
CA ASP D 184 17.38 -5.31 13.00
C ASP D 184 18.61 -4.40 12.99
N CYS D 185 18.72 -3.57 11.96
CA CYS D 185 19.91 -2.73 11.77
C CYS D 185 19.93 -1.48 12.64
N GLY D 186 18.81 -1.21 13.31
CA GLY D 186 18.71 -0.10 14.25
C GLY D 186 19.65 -0.23 15.43
N ASP D 187 20.07 -1.46 15.75
CA ASP D 187 20.93 -1.67 16.91
C ASP D 187 22.38 -1.29 16.60
N LYS D 188 22.63 -0.92 15.35
CA LYS D 188 23.88 -0.29 14.94
C LYS D 188 23.65 1.11 14.37
N LYS D 189 22.42 1.61 14.58
CA LYS D 189 21.95 2.90 14.05
C LYS D 189 22.05 3.06 12.52
N ILE D 190 21.96 1.93 11.82
CA ILE D 190 22.02 1.90 10.37
C ILE D 190 20.60 1.98 9.83
N THR D 191 20.34 2.89 8.90
CA THR D 191 19.05 2.94 8.22
C THR D 191 19.04 2.00 7.03
N VAL D 192 17.89 1.39 6.76
CA VAL D 192 17.75 0.53 5.60
C VAL D 192 16.56 0.94 4.73
N ASN D 193 16.82 1.15 3.45
CA ASN D 193 15.80 1.59 2.52
C ASN D 193 15.93 0.87 1.18
N ALA D 194 14.96 1.11 0.30
CA ALA D 194 15.05 0.65 -1.07
C ALA D 194 14.58 1.74 -2.04
N VAL D 195 15.19 1.80 -3.22
CA VAL D 195 14.68 2.64 -4.31
C VAL D 195 14.05 1.73 -5.35
N ALA D 196 12.82 2.05 -5.74
CA ALA D 196 12.07 1.25 -6.70
C ALA D 196 11.89 2.05 -7.99
N PRO D 197 12.86 1.95 -8.91
CA PRO D 197 12.82 2.81 -10.09
C PRO D 197 11.74 2.37 -11.08
N GLY D 198 11.31 3.32 -11.92
CA GLY D 198 10.48 3.01 -13.07
C GLY D 198 11.39 2.83 -14.27
N GLY D 199 10.83 2.98 -15.47
CA GLY D 199 11.62 2.95 -16.71
C GLY D 199 12.78 3.94 -16.65
N THR D 200 13.99 3.39 -16.59
CA THR D 200 15.22 4.17 -16.47
C THR D 200 16.16 3.71 -17.58
N VAL D 201 16.65 4.67 -18.38
CA VAL D 201 17.39 4.37 -19.61
C VAL D 201 18.77 3.78 -19.35
N THR D 202 18.90 2.49 -19.63
CA THR D 202 20.13 1.73 -19.43
C THR D 202 20.15 0.65 -20.49
N ASP D 203 21.16 -0.22 -20.44
CA ASP D 203 21.19 -1.40 -21.30
C ASP D 203 19.98 -2.30 -21.07
N MET D 204 19.62 -2.51 -19.80
CA MET D 204 18.43 -3.27 -19.42
C MET D 204 17.15 -2.71 -20.08
N PHE D 205 17.00 -1.38 -20.02
CA PHE D 205 15.85 -0.70 -20.61
C PHE D 205 15.64 -1.05 -22.09
N HIS D 206 16.67 -0.86 -22.92
CA HIS D 206 16.59 -1.09 -24.36
C HIS D 206 16.40 -2.57 -24.69
N GLU D 207 16.88 -3.41 -23.78
CA GLU D 207 16.87 -4.86 -23.91
C GLU D 207 15.43 -5.38 -23.85
N VAL D 208 14.61 -4.81 -22.97
CA VAL D 208 13.24 -5.30 -22.75
C VAL D 208 12.14 -4.25 -22.82
N SER D 209 12.41 -3.09 -23.43
CA SER D 209 11.41 -2.01 -23.51
C SER D 209 10.15 -2.40 -24.28
N HIS D 210 10.30 -3.33 -25.22
CA HIS D 210 9.18 -3.77 -26.06
C HIS D 210 8.18 -4.65 -25.30
N HIS D 211 8.60 -5.19 -24.15
CA HIS D 211 7.75 -6.04 -23.32
C HIS D 211 6.76 -5.25 -22.48
N TYR D 212 7.04 -3.95 -22.32
CA TYR D 212 6.26 -3.05 -21.49
C TYR D 212 5.17 -2.34 -22.30
N ILE D 213 5.18 -2.55 -23.61
CA ILE D 213 4.30 -1.83 -24.54
C ILE D 213 3.47 -2.80 -25.37
N PRO D 214 2.13 -2.58 -25.41
CA PRO D 214 1.26 -3.30 -26.35
C PRO D 214 1.76 -3.13 -27.79
N ASN D 215 1.90 -4.27 -28.50
CA ASN D 215 2.45 -4.31 -29.87
C ASN D 215 3.87 -3.75 -29.94
N GLY D 216 4.54 -3.70 -28.79
CA GLY D 216 5.84 -3.04 -28.65
C GLY D 216 6.95 -3.48 -29.58
N THR D 217 6.79 -4.66 -30.16
CA THR D 217 7.80 -5.22 -31.07
C THR D 217 7.84 -4.47 -32.41
N SER D 218 6.73 -3.84 -32.79
CA SER D 218 6.63 -3.12 -34.06
C SER D 218 6.88 -1.60 -33.94
N TYR D 219 7.65 -1.21 -32.92
CA TYR D 219 8.15 0.15 -32.80
C TYR D 219 9.67 0.11 -32.84
N THR D 220 10.30 1.24 -33.19
CA THR D 220 11.77 1.32 -33.12
C THR D 220 12.22 1.47 -31.66
N ALA D 221 13.50 1.21 -31.41
CA ALA D 221 14.08 1.36 -30.08
C ALA D 221 13.90 2.79 -29.54
N GLU D 222 13.99 3.77 -30.44
CA GLU D 222 13.86 5.19 -30.07
C GLU D 222 12.42 5.58 -29.74
N GLN D 223 11.46 5.18 -30.56
CA GLN D 223 10.03 5.41 -30.30
C GLN D 223 9.57 4.79 -28.98
N ARG D 224 10.09 3.62 -28.67
CA ARG D 224 9.76 2.95 -27.42
C ARG D 224 10.25 3.75 -26.22
N GLN D 225 11.44 4.34 -26.38
CA GLN D 225 12.00 5.23 -25.35
C GLN D 225 11.16 6.51 -25.21
N GLN D 226 10.59 6.97 -26.32
CA GLN D 226 9.73 8.15 -26.32
C GLN D 226 8.35 7.87 -25.72
N MET D 227 7.86 6.65 -25.89
CA MET D 227 6.57 6.23 -25.32
C MET D 227 6.67 6.10 -23.81
N ALA D 228 7.87 5.71 -23.34
CA ALA D 228 8.17 5.57 -21.92
C ALA D 228 8.35 6.92 -21.24
N ALA D 229 8.76 7.93 -22.02
CA ALA D 229 8.90 9.29 -21.53
C ALA D 229 7.55 9.91 -21.19
N HIS D 230 6.50 9.50 -21.91
CA HIS D 230 5.14 9.98 -21.65
C HIS D 230 4.39 9.24 -20.52
N ALA D 231 5.01 8.23 -19.92
CA ALA D 231 4.50 7.61 -18.68
C ALA D 231 4.53 8.61 -17.51
N SER D 232 5.59 9.40 -17.44
CA SER D 232 5.68 10.44 -16.43
C SER D 232 4.89 11.66 -16.87
N PRO D 233 4.11 12.26 -15.94
CA PRO D 233 3.38 13.49 -16.28
C PRO D 233 4.32 14.65 -16.64
N LEU D 234 5.62 14.48 -16.40
CA LEU D 234 6.65 15.46 -16.74
C LEU D 234 7.17 15.30 -18.18
N HIS D 235 6.67 14.29 -18.88
CA HIS D 235 7.02 13.99 -20.28
C HIS D 235 8.53 13.93 -20.56
N ARG D 236 9.26 13.21 -19.70
CA ARG D 236 10.64 12.82 -19.99
C ARG D 236 10.91 11.44 -19.43
N ASN D 237 12.02 10.83 -19.82
CA ASN D 237 12.45 9.53 -19.29
C ASN D 237 13.11 9.65 -17.93
N GLY D 238 13.08 8.57 -17.16
CA GLY D 238 13.97 8.41 -16.03
C GLY D 238 15.38 8.14 -16.53
N TRP D 239 16.36 8.65 -15.81
CA TRP D 239 17.77 8.45 -16.14
C TRP D 239 18.49 7.88 -14.91
N PRO D 240 19.64 7.22 -15.12
CA PRO D 240 20.38 6.73 -13.95
C PRO D 240 20.67 7.82 -12.90
N GLN D 241 20.92 9.05 -13.35
CA GLN D 241 21.19 10.18 -12.43
C GLN D 241 20.02 10.48 -11.47
N ASP D 242 18.80 10.19 -11.93
CA ASP D 242 17.60 10.45 -11.16
C ASP D 242 17.59 9.63 -9.90
N VAL D 243 17.95 8.35 -10.03
CA VAL D 243 18.06 7.40 -8.90
C VAL D 243 19.25 7.74 -7.99
N ALA D 244 20.39 8.04 -8.63
CA ALA D 244 21.59 8.50 -7.94
C ALA D 244 21.30 9.67 -7.02
N ASN D 245 20.53 10.64 -7.50
CA ASN D 245 20.13 11.79 -6.69
C ASN D 245 19.41 11.40 -5.39
N VAL D 246 18.50 10.44 -5.48
CA VAL D 246 17.69 10.02 -4.33
C VAL D 246 18.47 9.09 -3.41
N VAL D 247 19.25 8.18 -4.00
CA VAL D 247 20.19 7.35 -3.24
C VAL D 247 21.15 8.27 -2.46
N GLY D 248 21.73 9.26 -3.15
CA GLY D 248 22.63 10.23 -2.51
C GLY D 248 21.99 10.85 -1.27
N PHE D 249 20.77 11.38 -1.44
CA PHE D 249 20.00 11.89 -0.32
C PHE D 249 19.85 10.89 0.85
N LEU D 250 19.43 9.66 0.53
CA LEU D 250 19.11 8.66 1.54
C LEU D 250 20.32 8.28 2.38
N VAL D 251 21.46 8.17 1.73
CA VAL D 251 22.69 7.76 2.40
C VAL D 251 23.38 8.90 3.16
N SER D 252 22.82 10.10 3.08
CA SER D 252 23.38 11.25 3.79
C SER D 252 22.87 11.33 5.22
N LYS D 253 23.37 12.30 5.96
CA LYS D 253 22.85 12.64 7.29
C LYS D 253 21.38 13.08 7.22
N GLU D 254 21.06 13.86 6.20
CA GLU D 254 19.75 14.51 6.08
C GLU D 254 18.63 13.53 5.75
N GLY D 255 18.99 12.35 5.25
CA GLY D 255 18.02 11.32 4.91
C GLY D 255 17.73 10.31 6.01
N GLU D 256 18.25 10.57 7.21
CA GLU D 256 18.15 9.61 8.31
C GLU D 256 16.72 9.21 8.69
N TRP D 257 15.78 10.14 8.61
CA TRP D 257 14.43 9.86 9.07
C TRP D 257 13.57 9.12 8.06
N VAL D 258 14.11 8.91 6.86
CA VAL D 258 13.56 7.95 5.91
C VAL D 258 14.26 6.63 6.22
N ASN D 259 13.52 5.71 6.84
CA ASN D 259 14.07 4.45 7.30
C ASN D 259 13.04 3.34 7.17
N GLY D 260 13.48 2.19 6.67
CA GLY D 260 12.59 1.04 6.44
C GLY D 260 11.55 1.28 5.37
N LYS D 261 11.87 2.16 4.41
CA LYS D 261 10.90 2.62 3.44
C LYS D 261 11.27 2.25 2.01
N VAL D 262 10.25 2.09 1.16
CA VAL D 262 10.48 1.91 -0.27
C VAL D 262 10.01 3.14 -1.05
N LEU D 263 10.95 3.84 -1.69
CA LEU D 263 10.64 5.02 -2.52
C LEU D 263 10.53 4.64 -4.00
N THR D 264 9.36 4.84 -4.58
CA THR D 264 9.17 4.60 -6.01
C THR D 264 9.56 5.83 -6.84
N LEU D 265 10.57 5.64 -7.71
CA LEU D 265 11.14 6.75 -8.50
C LEU D 265 10.78 6.62 -9.99
N ASP D 266 9.58 7.07 -10.35
CA ASP D 266 9.11 6.99 -11.72
C ASP D 266 8.66 8.35 -12.26
N GLY D 267 9.03 9.43 -11.57
CA GLY D 267 8.58 10.77 -11.95
C GLY D 267 7.09 10.99 -11.91
N GLY D 268 6.39 10.14 -11.17
CA GLY D 268 4.96 10.30 -10.94
C GLY D 268 4.08 9.51 -11.90
N ALA D 269 4.66 8.52 -12.58
CA ALA D 269 3.88 7.69 -13.51
C ALA D 269 2.81 6.87 -12.77
N ALA D 270 3.18 6.33 -11.61
CA ALA D 270 2.25 5.56 -10.76
C ALA D 270 0.99 6.37 -10.38
#